data_2OOL
#
_entry.id   2OOL
#
_cell.length_a   151.866
_cell.length_b   151.866
_cell.length_c   75.996
_cell.angle_alpha   90.00
_cell.angle_beta   90.00
_cell.angle_gamma   120.00
#
_symmetry.space_group_name_H-M   'P 3 2 1'
#
loop_
_entity.id
_entity.type
_entity.pdbx_description
1 polymer 'Sensor protein'
2 non-polymer '3-[2-[(Z)-[3-(2-carboxyethyl)-5-[(Z)-(4-ethenyl-3-methyl-5-oxidanylidene-pyrrol-2-ylidene)methyl]-4-methyl-pyrrol-1-ium -2-ylidene]methyl]-5-[(Z)-[(3E)-3-ethylidene-4-methyl-5-oxidanylidene-pyrrolidin-2-ylidene]methyl]-4-methyl-1H-pyrrol-3- yl]propanoic acid'
3 water water
#
_entity_poly.entity_id   1
_entity_poly.type   'polypeptide(L)'
_entity_poly.pdbx_seq_one_letter_code
;MSSRSDPGQPMASATDPSGRLALDLTECDREPIHIPGAIQPHGYLFVVSETDLRIASVSANVEDLLRQPPASLLNVPIAH
YLTAASAARLTHALHGGDPAAINPIRLDVVTPDGERAFNGILHRHDSIVILELEPRDESRYTNEFFRSVRVAIRRLQTAA
DLPTACWIAASEVRRITGFDRIKVYQFAADWSGQVIAEDRDSGIPSLLDFHFPSSDIPAQSRALYTINPVRIIPDIGYRP
SPLVPDINPRLGGPIDLSFSVLRSVSPTHLEYMVNMGMHAAMSISIVRDNRLWGMISCHNLTPRFVSYEVRQACELIAQV
LTWQIGVLEEAEIVRHS
;
_entity_poly.pdbx_strand_id   A,B
#
loop_
_chem_comp.id
_chem_comp.type
_chem_comp.name
_chem_comp.formula
LBV non-polymer '3-[2-[(Z)-[3-(2-carboxyethyl)-5-[(Z)-(4-ethenyl-3-methyl-5-oxidanylidene-pyrrol-2-ylidene)methyl]-4-methyl-pyrrol-1-ium -2-ylidene]methyl]-5-[(Z)-[(3E)-3-ethylidene-4-methyl-5-oxidanylidene-pyrrolidin-2-ylidene]methyl]-4-methyl-1H-pyrrol-3- yl]propanoic acid' 'C33 H37 N4 O6 1'
#
# COMPACT_ATOMS: atom_id res chain seq x y z
N THR A 26 -9.61 -40.18 -13.45
CA THR A 26 -9.04 -38.80 -13.51
C THR A 26 -9.35 -38.10 -14.86
N GLU A 27 -10.65 -37.92 -15.10
CA GLU A 27 -11.18 -36.83 -15.91
C GLU A 27 -10.96 -35.44 -15.24
N CYS A 28 -10.26 -35.38 -14.11
CA CYS A 28 -10.02 -34.11 -13.42
C CYS A 28 -9.42 -33.06 -14.31
N ASP A 29 -8.37 -33.46 -15.04
CA ASP A 29 -7.58 -32.51 -15.78
C ASP A 29 -8.22 -32.12 -17.10
N ARG A 30 -9.30 -32.79 -17.52
CA ARG A 30 -9.94 -32.49 -18.79
C ARG A 30 -11.08 -31.49 -18.77
N GLU A 31 -11.62 -31.15 -17.61
CA GLU A 31 -12.76 -30.23 -17.60
C GLU A 31 -12.33 -28.87 -18.17
N PRO A 32 -13.04 -28.35 -19.14
CA PRO A 32 -12.66 -27.04 -19.71
C PRO A 32 -13.10 -25.81 -18.89
N ILE A 33 -12.41 -25.60 -17.77
CA ILE A 33 -12.77 -24.58 -16.81
C ILE A 33 -12.80 -23.12 -17.36
N HIS A 34 -12.17 -22.88 -18.50
CA HIS A 34 -12.01 -21.54 -19.01
C HIS A 34 -13.21 -21.05 -19.81
N ILE A 35 -14.07 -21.97 -20.27
CA ILE A 35 -15.25 -21.65 -21.05
C ILE A 35 -16.53 -22.23 -20.40
N PRO A 36 -16.84 -21.77 -19.20
CA PRO A 36 -18.05 -22.29 -18.54
C PRO A 36 -19.35 -21.67 -19.03
N GLY A 37 -19.29 -20.60 -19.81
CA GLY A 37 -20.53 -19.98 -20.36
C GLY A 37 -21.34 -19.29 -19.26
N ALA A 38 -20.73 -19.00 -18.11
CA ALA A 38 -21.44 -18.45 -16.98
C ALA A 38 -20.52 -17.73 -16.04
N ILE A 39 -21.11 -16.88 -15.19
CA ILE A 39 -20.37 -16.13 -14.17
C ILE A 39 -20.92 -16.32 -12.72
N GLN A 40 -20.10 -15.95 -11.74
CA GLN A 40 -20.55 -15.78 -10.38
C GLN A 40 -21.36 -14.46 -10.29
N PRO A 41 -22.59 -14.54 -9.76
CA PRO A 41 -23.52 -13.44 -9.82
C PRO A 41 -23.38 -12.29 -8.80
N HIS A 42 -22.32 -12.22 -7.99
CA HIS A 42 -22.14 -11.03 -7.15
C HIS A 42 -21.69 -9.84 -8.04
N GLY A 43 -21.45 -10.08 -9.35
CA GLY A 43 -20.99 -9.03 -10.28
C GLY A 43 -21.76 -9.17 -11.60
N TYR A 44 -21.48 -8.30 -12.56
CA TYR A 44 -22.11 -8.36 -13.89
C TYR A 44 -21.05 -8.30 -14.99
N LEU A 45 -21.30 -8.96 -16.13
CA LEU A 45 -20.32 -8.99 -17.22
C LEU A 45 -20.91 -8.54 -18.55
N PHE A 46 -20.13 -7.72 -19.28
CA PHE A 46 -20.48 -7.29 -20.63
C PHE A 46 -19.30 -7.56 -21.52
N VAL A 47 -19.56 -8.10 -22.69
CA VAL A 47 -18.62 -8.01 -23.78
C VAL A 47 -19.03 -6.83 -24.59
N VAL A 48 -18.10 -5.93 -24.87
CA VAL A 48 -18.39 -4.77 -25.69
C VAL A 48 -17.36 -4.61 -26.83
N SER A 49 -17.81 -4.03 -27.92
CA SER A 49 -16.93 -3.81 -29.06
C SER A 49 -16.05 -2.59 -28.80
N GLU A 50 -14.86 -2.57 -29.39
CA GLU A 50 -13.85 -1.57 -29.06
C GLU A 50 -14.13 -0.28 -29.81
N THR A 51 -14.99 -0.37 -30.81
CA THR A 51 -15.34 0.77 -31.65
C THR A 51 -16.24 1.76 -30.88
N ASP A 52 -17.54 1.53 -30.97
CA ASP A 52 -18.57 2.34 -30.33
C ASP A 52 -19.13 1.63 -29.08
N LEU A 53 -18.44 0.59 -28.63
CA LEU A 53 -18.74 0.00 -27.35
C LEU A 53 -20.16 -0.59 -27.25
N ARG A 54 -20.59 -1.25 -28.31
CA ARG A 54 -21.92 -1.85 -28.36
C ARG A 54 -21.88 -3.17 -27.66
N ILE A 55 -22.97 -3.58 -27.03
CA ILE A 55 -22.92 -4.80 -26.19
C ILE A 55 -23.02 -6.05 -27.08
N ALA A 56 -22.14 -7.01 -26.87
CA ALA A 56 -22.19 -8.24 -27.70
C ALA A 56 -22.62 -9.46 -26.89
N SER A 57 -22.51 -9.38 -25.58
CA SER A 57 -23.03 -10.41 -24.70
C SER A 57 -23.15 -9.84 -23.29
N VAL A 58 -24.07 -10.41 -22.48
CA VAL A 58 -24.25 -10.03 -21.08
C VAL A 58 -24.60 -11.23 -20.28
N SER A 59 -24.21 -11.19 -19.02
CA SER A 59 -24.69 -12.13 -18.02
C SER A 59 -26.18 -11.88 -17.78
N ALA A 60 -26.91 -12.99 -17.61
CA ALA A 60 -28.36 -12.98 -17.51
C ALA A 60 -28.86 -12.20 -16.30
N ASN A 61 -28.05 -12.16 -15.23
CA ASN A 61 -28.36 -11.41 -14.00
C ASN A 61 -28.47 -9.90 -14.21
N VAL A 62 -27.95 -9.41 -15.32
CA VAL A 62 -28.17 -8.02 -15.72
C VAL A 62 -29.67 -7.67 -15.81
N GLU A 63 -30.54 -8.66 -16.03
CA GLU A 63 -31.99 -8.44 -16.01
C GLU A 63 -32.44 -7.83 -14.70
N ASP A 64 -31.83 -8.25 -13.60
CA ASP A 64 -32.20 -7.65 -12.33
C ASP A 64 -31.61 -6.26 -12.17
N LEU A 65 -30.52 -5.97 -12.87
CA LEU A 65 -29.89 -4.67 -12.72
C LEU A 65 -30.73 -3.65 -13.43
N LEU A 66 -30.94 -3.88 -14.72
CA LEU A 66 -31.55 -2.91 -15.64
C LEU A 66 -33.05 -3.16 -15.89
N ARG A 67 -33.59 -4.29 -15.46
CA ARG A 67 -35.01 -4.61 -15.56
C ARG A 67 -35.47 -4.84 -17.01
N GLN A 68 -34.59 -5.49 -17.78
CA GLN A 68 -34.80 -5.71 -19.21
CA GLN A 68 -34.85 -5.74 -19.19
C GLN A 68 -34.36 -7.13 -19.57
N PRO A 69 -35.01 -7.75 -20.58
CA PRO A 69 -34.52 -9.07 -21.02
C PRO A 69 -33.08 -8.97 -21.55
N PRO A 70 -32.20 -9.89 -21.12
CA PRO A 70 -30.80 -9.88 -21.60
C PRO A 70 -30.65 -9.81 -23.12
N ALA A 71 -31.42 -10.60 -23.85
CA ALA A 71 -31.34 -10.57 -25.31
C ALA A 71 -31.51 -9.16 -25.88
N SER A 72 -32.33 -8.34 -25.22
CA SER A 72 -32.72 -7.07 -25.85
C SER A 72 -31.61 -6.04 -25.82
N LEU A 73 -30.55 -6.30 -25.05
CA LEU A 73 -29.41 -5.36 -24.94
C LEU A 73 -28.41 -5.58 -26.07
N LEU A 74 -28.64 -6.59 -26.88
CA LEU A 74 -27.60 -6.96 -27.83
C LEU A 74 -27.52 -5.88 -28.95
N ASN A 75 -26.30 -5.40 -29.10
CA ASN A 75 -25.90 -4.35 -29.98
C ASN A 75 -26.24 -2.92 -29.54
N VAL A 76 -26.66 -2.77 -28.30
CA VAL A 76 -26.96 -1.45 -27.75
C VAL A 76 -25.68 -0.79 -27.22
N PRO A 77 -25.49 0.50 -27.49
CA PRO A 77 -24.33 1.12 -26.87
C PRO A 77 -24.36 1.06 -25.31
N ILE A 78 -23.26 0.66 -24.71
CA ILE A 78 -23.28 0.46 -23.26
C ILE A 78 -23.50 1.83 -22.57
N ALA A 79 -23.07 2.90 -23.24
CA ALA A 79 -23.15 4.28 -22.73
C ALA A 79 -24.57 4.69 -22.44
N HIS A 80 -25.54 4.00 -23.00
CA HIS A 80 -26.92 4.28 -22.67
C HIS A 80 -27.27 3.97 -21.22
N TYR A 81 -26.52 3.07 -20.58
CA TYR A 81 -26.82 2.71 -19.19
C TYR A 81 -25.74 3.20 -18.21
N LEU A 82 -24.85 4.08 -18.66
CA LEU A 82 -23.85 4.67 -17.80
C LEU A 82 -24.14 6.15 -17.71
N THR A 83 -23.59 6.81 -16.69
CA THR A 83 -23.64 8.25 -16.59
C THR A 83 -22.65 8.79 -17.62
N ALA A 84 -22.77 10.04 -17.98
CA ALA A 84 -21.87 10.69 -18.93
C ALA A 84 -20.44 10.59 -18.48
N ALA A 85 -20.13 10.98 -17.25
CA ALA A 85 -18.77 10.83 -16.71
C ALA A 85 -18.23 9.40 -16.81
N SER A 86 -19.09 8.40 -16.59
CA SER A 86 -18.68 6.99 -16.58
C SER A 86 -18.45 6.50 -18.03
N ALA A 87 -19.36 6.85 -18.94
CA ALA A 87 -19.15 6.70 -20.40
C ALA A 87 -17.79 7.26 -20.79
N ALA A 88 -17.51 8.51 -20.42
CA ALA A 88 -16.23 9.14 -20.76
C ALA A 88 -15.05 8.36 -20.24
N ARG A 89 -15.15 7.93 -18.98
CA ARG A 89 -14.09 7.23 -18.28
C ARG A 89 -13.79 5.84 -18.88
N LEU A 90 -14.84 5.11 -19.24
CA LEU A 90 -14.72 3.83 -19.93
C LEU A 90 -14.03 4.04 -21.27
N THR A 91 -14.57 4.95 -22.06
CA THR A 91 -14.00 5.27 -23.38
C THR A 91 -12.52 5.66 -23.22
N HIS A 92 -12.17 6.59 -22.34
CA HIS A 92 -10.75 6.90 -22.12
C HIS A 92 -9.92 5.66 -21.74
N ALA A 93 -10.46 4.76 -20.93
CA ALA A 93 -9.70 3.59 -20.48
C ALA A 93 -9.31 2.71 -21.67
N LEU A 94 -10.25 2.49 -22.57
CA LEU A 94 -10.01 1.69 -23.75
C LEU A 94 -9.17 2.41 -24.80
N HIS A 95 -9.75 3.43 -25.44
CA HIS A 95 -9.18 4.17 -26.56
C HIS A 95 -8.00 5.09 -26.21
N GLY A 96 -7.08 4.68 -25.35
CA GLY A 96 -5.98 5.58 -24.98
C GLY A 96 -4.99 5.08 -23.93
N ALA A 101 -2.43 0.21 -15.48
CA ALA A 101 -2.72 1.04 -14.32
C ALA A 101 -4.23 1.26 -14.08
N ILE A 102 -5.04 1.05 -15.12
CA ILE A 102 -6.41 1.53 -15.16
C ILE A 102 -7.37 0.86 -14.16
N ASN A 103 -7.29 -0.46 -13.99
CA ASN A 103 -8.29 -1.20 -13.22
C ASN A 103 -8.06 -0.92 -11.71
N PRO A 104 -9.15 -0.76 -10.93
CA PRO A 104 -10.55 -0.67 -11.30
C PRO A 104 -10.91 0.78 -11.69
N ILE A 105 -11.97 0.91 -12.48
N ILE A 105 -11.87 0.97 -12.59
CA ILE A 105 -12.49 2.17 -12.94
CA ILE A 105 -12.38 2.31 -12.80
C ILE A 105 -13.84 2.35 -12.29
C ILE A 105 -13.80 2.37 -12.30
N ARG A 106 -14.15 3.51 -11.71
CA ARG A 106 -15.48 3.70 -11.12
C ARG A 106 -16.46 3.89 -12.23
N LEU A 107 -17.52 3.10 -12.23
CA LEU A 107 -18.60 3.22 -13.17
C LEU A 107 -19.93 3.27 -12.41
N ASP A 108 -20.76 4.24 -12.79
CA ASP A 108 -22.11 4.43 -12.29
C ASP A 108 -23.08 4.04 -13.39
N VAL A 109 -23.94 3.06 -13.09
CA VAL A 109 -24.97 2.54 -13.99
C VAL A 109 -26.29 3.22 -13.65
N VAL A 110 -27.01 3.71 -14.67
CA VAL A 110 -28.32 4.33 -14.49
C VAL A 110 -29.38 3.24 -14.66
N THR A 111 -30.07 2.90 -13.57
CA THR A 111 -31.04 1.81 -13.53
C THR A 111 -32.40 2.42 -13.26
N PRO A 112 -33.49 1.66 -13.50
CA PRO A 112 -34.81 2.24 -13.26
C PRO A 112 -35.04 2.54 -11.78
N ASP A 113 -34.32 1.85 -10.90
CA ASP A 113 -34.42 2.00 -9.45
C ASP A 113 -33.25 2.83 -8.88
N GLY A 114 -32.78 3.83 -9.62
CA GLY A 114 -31.64 4.68 -9.21
C GLY A 114 -30.28 4.34 -9.81
N GLU A 115 -29.30 5.18 -9.48
CA GLU A 115 -27.92 5.08 -9.95
C GLU A 115 -27.08 4.25 -8.99
N ARG A 116 -26.43 3.22 -9.53
CA ARG A 116 -25.61 2.26 -8.81
C ARG A 116 -24.16 2.36 -9.19
N ALA A 117 -23.30 2.35 -8.16
CA ALA A 117 -21.86 2.51 -8.29
C ALA A 117 -21.11 1.15 -8.15
N PHE A 118 -20.14 0.97 -9.04
CA PHE A 118 -19.39 -0.27 -9.23
C PHE A 118 -17.92 -0.01 -9.48
N ASN A 119 -17.13 -1.06 -9.26
CA ASN A 119 -15.75 -1.14 -9.70
C ASN A 119 -15.83 -1.80 -11.04
N GLY A 120 -15.34 -1.11 -12.06
CA GLY A 120 -15.29 -1.66 -13.41
C GLY A 120 -13.93 -2.28 -13.72
N ILE A 121 -13.96 -3.55 -14.13
CA ILE A 121 -12.75 -4.33 -14.35
C ILE A 121 -12.76 -4.72 -15.83
N LEU A 122 -11.83 -4.14 -16.56
CA LEU A 122 -11.75 -4.17 -17.99
C LEU A 122 -10.59 -5.08 -18.45
N HIS A 123 -10.81 -5.87 -19.47
CA HIS A 123 -9.73 -6.58 -20.12
C HIS A 123 -9.99 -6.97 -21.57
N ARG A 124 -8.88 -7.19 -22.28
CA ARG A 124 -8.86 -7.54 -23.71
C ARG A 124 -8.26 -8.94 -23.88
N HIS A 125 -8.95 -9.86 -24.54
CA HIS A 125 -8.45 -11.26 -24.74
C HIS A 125 -9.31 -11.76 -25.90
N ASP A 126 -8.71 -12.48 -26.87
CA ASP A 126 -9.47 -12.99 -28.04
C ASP A 126 -10.20 -11.99 -28.86
N SER A 127 -9.52 -10.89 -29.13
CA SER A 127 -10.02 -9.91 -30.04
C SER A 127 -11.27 -9.22 -29.52
N ILE A 128 -11.56 -9.39 -28.21
CA ILE A 128 -12.74 -8.73 -27.61
C ILE A 128 -12.44 -8.07 -26.28
N VAL A 129 -13.38 -7.28 -25.79
CA VAL A 129 -13.25 -6.54 -24.54
C VAL A 129 -14.32 -6.98 -23.63
N ILE A 130 -13.96 -7.35 -22.39
CA ILE A 130 -14.86 -7.85 -21.41
C ILE A 130 -14.81 -6.81 -20.28
N LEU A 131 -15.97 -6.29 -19.90
CA LEU A 131 -16.10 -5.40 -18.75
C LEU A 131 -16.83 -6.13 -17.63
N GLU A 132 -16.29 -6.09 -16.42
CA GLU A 132 -16.95 -6.72 -15.33
C GLU A 132 -17.20 -5.69 -14.22
N LEU A 133 -18.37 -5.75 -13.60
CA LEU A 133 -18.80 -4.79 -12.59
C LEU A 133 -18.86 -5.48 -11.27
N GLU A 134 -17.99 -5.07 -10.34
CA GLU A 134 -17.90 -5.64 -8.99
C GLU A 134 -18.36 -4.60 -7.99
N PRO A 135 -18.68 -5.01 -6.74
CA PRO A 135 -18.87 -4.02 -5.69
C PRO A 135 -17.59 -3.24 -5.39
N ARG A 136 -17.74 -2.02 -4.95
CA ARG A 136 -16.60 -1.17 -4.70
C ARG A 136 -15.89 -1.45 -3.37
N ASP A 137 -14.67 -0.96 -3.28
CA ASP A 137 -13.91 -1.02 -2.06
C ASP A 137 -14.60 -0.18 -0.98
N GLU A 138 -14.74 -0.76 0.21
CA GLU A 138 -15.50 -0.12 1.31
C GLU A 138 -14.69 0.33 2.54
N SER A 139 -13.38 0.50 2.47
CA SER A 139 -12.68 0.72 3.77
C SER A 139 -12.74 2.14 4.33
N ARG A 140 -12.98 2.23 5.64
CA ARG A 140 -12.84 3.48 6.32
C ARG A 140 -11.39 3.63 6.85
N TYR A 141 -10.46 2.76 6.43
CA TYR A 141 -9.11 2.65 7.06
C TYR A 141 -7.96 2.43 6.06
N THR A 142 -7.97 3.21 4.96
CA THR A 142 -7.03 3.04 3.86
C THR A 142 -5.61 3.47 4.24
N ASN A 143 -5.46 4.55 5.02
CA ASN A 143 -4.12 4.95 5.51
C ASN A 143 -3.42 3.87 6.39
N GLU A 144 -4.16 3.31 7.34
N GLU A 144 -4.17 3.31 7.34
CA GLU A 144 -3.72 2.13 8.10
CA GLU A 144 -3.74 2.13 8.10
C GLU A 144 -3.42 0.95 7.17
C GLU A 144 -3.42 0.96 7.17
N PHE A 145 -4.26 0.76 6.17
CA PHE A 145 -4.05 -0.28 5.20
C PHE A 145 -2.69 -0.14 4.51
N PHE A 146 -2.39 1.05 3.99
CA PHE A 146 -1.11 1.30 3.33
C PHE A 146 0.08 1.05 4.28
N ARG A 147 -0.05 1.53 5.51
CA ARG A 147 0.98 1.34 6.52
C ARG A 147 1.26 -0.13 6.77
N SER A 148 0.21 -0.93 6.92
CA SER A 148 0.41 -2.37 7.17
C SER A 148 1.07 -3.06 5.97
N VAL A 149 0.63 -2.77 4.75
CA VAL A 149 1.32 -3.32 3.55
C VAL A 149 2.82 -2.94 3.52
N ARG A 150 3.13 -1.68 3.82
CA ARG A 150 4.51 -1.20 3.84
C ARG A 150 5.40 -1.93 4.90
N VAL A 151 4.92 -2.06 6.14
CA VAL A 151 5.76 -2.69 7.15
C VAL A 151 5.90 -4.20 6.85
N ALA A 152 4.85 -4.83 6.37
CA ALA A 152 4.92 -6.25 5.90
C ALA A 152 5.96 -6.47 4.78
N ILE A 153 5.96 -5.65 3.74
CA ILE A 153 6.94 -5.76 2.64
C ILE A 153 8.37 -5.67 3.17
N ARG A 154 8.60 -4.68 4.02
CA ARG A 154 9.89 -4.51 4.67
C ARG A 154 10.31 -5.73 5.54
N ARG A 155 9.35 -6.33 6.24
CA ARG A 155 9.63 -7.48 7.11
C ARG A 155 9.92 -8.71 6.27
N LEU A 156 9.13 -8.88 5.23
CA LEU A 156 9.31 -9.99 4.32
C LEU A 156 10.73 -9.95 3.78
N GLN A 157 11.22 -8.74 3.50
CA GLN A 157 12.53 -8.57 2.86
C GLN A 157 13.74 -8.83 3.76
N THR A 158 13.55 -8.84 5.09
CA THR A 158 14.60 -9.30 6.01
C THR A 158 14.27 -10.63 6.70
N ALA A 159 13.31 -11.39 6.20
CA ALA A 159 13.02 -12.74 6.69
C ALA A 159 14.21 -13.65 6.44
N ALA A 160 14.63 -14.39 7.48
CA ALA A 160 15.90 -15.15 7.43
C ALA A 160 15.72 -16.61 6.96
N ASP A 161 14.51 -17.12 7.12
CA ASP A 161 14.16 -18.44 6.61
C ASP A 161 12.76 -18.41 5.97
N LEU A 162 12.42 -19.49 5.28
CA LEU A 162 11.20 -19.56 4.47
C LEU A 162 9.91 -19.61 5.29
N PRO A 163 9.84 -20.50 6.29
CA PRO A 163 8.60 -20.48 7.08
C PRO A 163 8.30 -19.11 7.71
N THR A 164 9.34 -18.36 8.06
CA THR A 164 9.14 -17.00 8.59
C THR A 164 8.61 -16.07 7.47
N ALA A 165 9.17 -16.18 6.28
CA ALA A 165 8.75 -15.34 5.17
C ALA A 165 7.29 -15.66 4.84
N CYS A 166 6.98 -16.95 4.76
CA CYS A 166 5.63 -17.39 4.43
C CYS A 166 4.61 -16.97 5.45
N TRP A 167 4.99 -17.01 6.72
CA TRP A 167 4.09 -16.63 7.83
C TRP A 167 3.86 -15.10 7.89
N ILE A 168 4.88 -14.31 7.63
CA ILE A 168 4.70 -12.87 7.50
C ILE A 168 3.67 -12.64 6.38
N ALA A 169 3.81 -13.31 5.25
CA ALA A 169 2.87 -13.11 4.13
C ALA A 169 1.45 -13.45 4.55
N ALA A 170 1.26 -14.61 5.19
CA ALA A 170 -0.09 -15.13 5.52
C ALA A 170 -0.80 -14.25 6.52
N SER A 171 -0.05 -13.85 7.56
CA SER A 171 -0.62 -13.00 8.59
C SER A 171 -1.01 -11.60 8.09
N GLU A 172 -0.21 -11.00 7.23
CA GLU A 172 -0.64 -9.71 6.65
C GLU A 172 -1.86 -9.88 5.74
N VAL A 173 -1.88 -10.93 4.95
CA VAL A 173 -3.05 -11.22 4.12
C VAL A 173 -4.30 -11.41 4.99
N ARG A 174 -4.17 -12.05 6.16
CA ARG A 174 -5.32 -12.22 7.02
C ARG A 174 -5.77 -10.88 7.59
N ARG A 175 -4.80 -10.05 7.97
CA ARG A 175 -5.06 -8.68 8.42
C ARG A 175 -5.96 -7.87 7.48
N ILE A 176 -5.71 -7.95 6.19
CA ILE A 176 -6.35 -7.05 5.24
C ILE A 176 -7.54 -7.66 4.53
N THR A 177 -7.71 -8.98 4.62
CA THR A 177 -8.85 -9.67 4.02
C THR A 177 -9.94 -9.97 5.03
N GLY A 178 -9.57 -10.13 6.29
CA GLY A 178 -10.48 -10.61 7.31
C GLY A 178 -10.89 -12.07 7.23
N PHE A 179 -10.25 -12.85 6.35
CA PHE A 179 -10.66 -14.24 6.15
C PHE A 179 -10.19 -15.02 7.39
N ASP A 180 -10.95 -16.05 7.74
CA ASP A 180 -10.67 -16.93 8.89
C ASP A 180 -9.30 -17.65 8.91
N ARG A 181 -8.77 -18.02 7.76
CA ARG A 181 -7.60 -18.90 7.66
C ARG A 181 -6.85 -18.67 6.37
N ILE A 182 -5.58 -18.31 6.48
CA ILE A 182 -4.72 -18.11 5.33
C ILE A 182 -3.60 -19.14 5.40
N LYS A 183 -3.38 -19.85 4.29
CA LYS A 183 -2.37 -20.94 4.21
C LYS A 183 -1.40 -20.65 3.08
N VAL A 184 -0.12 -20.96 3.26
CA VAL A 184 0.81 -20.95 2.14
C VAL A 184 1.08 -22.42 1.82
N TYR A 185 0.79 -22.77 0.59
CA TYR A 185 0.77 -24.15 0.11
C TYR A 185 1.87 -24.24 -0.93
N GLN A 186 2.80 -25.17 -0.75
CA GLN A 186 3.95 -25.30 -1.67
C GLN A 186 3.84 -26.60 -2.42
N PHE A 187 4.13 -26.57 -3.71
CA PHE A 187 4.04 -27.78 -4.57
C PHE A 187 5.38 -28.55 -4.48
N ALA A 188 5.28 -29.88 -4.31
CA ALA A 188 6.36 -30.85 -4.55
C ALA A 188 6.51 -31.12 -6.07
N ALA A 189 7.59 -31.82 -6.41
CA ALA A 189 7.94 -32.16 -7.78
C ALA A 189 6.83 -32.94 -8.50
N ASP A 190 6.06 -33.74 -7.76
CA ASP A 190 4.94 -34.51 -8.33
C ASP A 190 3.58 -33.78 -8.31
N TRP A 191 3.61 -32.47 -8.04
CA TRP A 191 2.41 -31.65 -7.98
C TRP A 191 1.45 -31.94 -6.80
N SER A 192 1.81 -32.84 -5.89
CA SER A 192 1.16 -32.81 -4.59
C SER A 192 1.70 -31.56 -3.87
N GLY A 193 1.14 -31.27 -2.72
CA GLY A 193 1.61 -30.12 -1.94
C GLY A 193 1.38 -30.26 -0.47
N GLN A 194 2.00 -29.34 0.27
CA GLN A 194 1.89 -29.27 1.72
C GLN A 194 1.65 -27.81 2.17
N VAL A 195 0.83 -27.62 3.20
CA VAL A 195 0.69 -26.33 3.89
C VAL A 195 1.95 -26.11 4.73
N ILE A 196 2.76 -25.15 4.33
CA ILE A 196 4.01 -24.89 5.04
C ILE A 196 3.92 -23.71 6.01
N ALA A 197 2.87 -22.92 5.92
CA ALA A 197 2.65 -21.83 6.88
C ALA A 197 1.16 -21.56 6.92
N GLU A 198 0.72 -20.91 7.99
CA GLU A 198 -0.68 -20.70 8.29
C GLU A 198 -0.87 -19.58 9.30
N ASP A 199 -1.82 -18.69 9.04
CA ASP A 199 -2.30 -17.81 10.11
C ASP A 199 -3.81 -17.90 10.09
N ARG A 200 -4.38 -18.11 11.26
CA ARG A 200 -5.83 -18.21 11.42
C ARG A 200 -6.35 -17.55 12.71
N ASP A 201 -7.63 -17.22 12.67
CA ASP A 201 -8.35 -16.64 13.80
C ASP A 201 -8.71 -17.74 14.81
N SER A 202 -9.08 -17.35 16.02
CA SER A 202 -9.45 -18.29 17.09
C SER A 202 -10.66 -19.13 16.69
N GLY A 203 -10.65 -20.41 17.09
CA GLY A 203 -11.78 -21.32 16.83
C GLY A 203 -11.53 -22.19 15.62
N ILE A 204 -11.01 -21.56 14.58
CA ILE A 204 -10.77 -22.15 13.27
C ILE A 204 -9.78 -23.32 13.32
N PRO A 205 -10.15 -24.45 12.72
CA PRO A 205 -9.23 -25.57 12.63
C PRO A 205 -8.02 -25.31 11.71
N SER A 206 -6.90 -25.92 12.07
CA SER A 206 -5.60 -25.82 11.40
C SER A 206 -5.40 -26.94 10.39
N LEU A 207 -4.83 -26.59 9.23
CA LEU A 207 -4.33 -27.59 8.25
C LEU A 207 -2.80 -27.52 8.10
N LEU A 208 -2.12 -26.90 9.04
CA LEU A 208 -0.68 -26.73 8.97
C LEU A 208 0.05 -28.08 8.83
N ASP A 209 1.09 -28.10 8.00
CA ASP A 209 1.90 -29.29 7.76
C ASP A 209 1.13 -30.39 7.00
N PHE A 210 -0.14 -30.21 6.69
CA PHE A 210 -0.94 -31.23 5.99
C PHE A 210 -0.51 -31.37 4.52
N HIS A 211 -0.67 -32.57 3.97
N HIS A 211 -0.73 -32.55 3.95
CA HIS A 211 -0.30 -32.90 2.59
CA HIS A 211 -0.32 -32.87 2.60
C HIS A 211 -1.57 -33.20 1.80
C HIS A 211 -1.56 -33.24 1.80
N PHE A 212 -1.58 -32.81 0.54
CA PHE A 212 -2.76 -32.95 -0.31
C PHE A 212 -2.34 -33.53 -1.63
N PRO A 213 -3.16 -34.43 -2.21
CA PRO A 213 -2.87 -35.02 -3.52
C PRO A 213 -2.88 -34.05 -4.71
N SER A 214 -2.07 -34.35 -5.71
CA SER A 214 -1.98 -33.50 -6.91
C SER A 214 -3.31 -33.23 -7.63
N SER A 215 -4.21 -34.20 -7.63
CA SER A 215 -5.52 -34.06 -8.28
C SER A 215 -6.42 -33.01 -7.63
N ASP A 216 -6.08 -32.53 -6.44
CA ASP A 216 -6.88 -31.47 -5.82
C ASP A 216 -6.76 -30.14 -6.56
N ILE A 217 -5.65 -29.92 -7.27
CA ILE A 217 -5.49 -28.73 -8.13
C ILE A 217 -4.94 -29.26 -9.47
N PRO A 218 -5.84 -29.79 -10.33
CA PRO A 218 -5.45 -30.54 -11.52
C PRO A 218 -4.74 -29.68 -12.55
N ALA A 219 -4.24 -30.33 -13.59
CA ALA A 219 -3.27 -29.76 -14.53
C ALA A 219 -3.78 -28.53 -15.28
N GLN A 220 -5.03 -28.53 -15.69
CA GLN A 220 -5.54 -27.38 -16.47
C GLN A 220 -5.73 -26.16 -15.54
N SER A 221 -6.08 -26.43 -14.30
CA SER A 221 -6.23 -25.39 -13.26
C SER A 221 -4.89 -24.74 -12.98
N ARG A 222 -3.88 -25.57 -12.80
CA ARG A 222 -2.52 -25.08 -12.55
C ARG A 222 -1.95 -24.28 -13.69
N ALA A 223 -2.14 -24.74 -14.92
CA ALA A 223 -1.82 -23.93 -16.15
C ALA A 223 -2.54 -22.54 -16.13
N LEU A 224 -3.84 -22.53 -15.88
CA LEU A 224 -4.56 -21.23 -15.77
C LEU A 224 -3.99 -20.38 -14.64
N TYR A 225 -3.80 -20.98 -13.47
CA TYR A 225 -3.30 -20.20 -12.34
C TYR A 225 -1.88 -19.69 -12.51
N THR A 226 -1.15 -20.21 -13.51
CA THR A 226 0.20 -19.76 -13.78
C THR A 226 0.11 -18.45 -14.53
N ILE A 227 -0.92 -18.30 -15.35
CA ILE A 227 -1.04 -17.07 -16.16
C ILE A 227 -2.05 -16.06 -15.60
N ASN A 228 -2.98 -16.50 -14.77
CA ASN A 228 -3.94 -15.62 -14.11
C ASN A 228 -3.83 -15.85 -12.60
N PRO A 229 -3.00 -15.02 -11.91
CA PRO A 229 -2.57 -15.32 -10.54
C PRO A 229 -3.49 -15.03 -9.35
N VAL A 230 -4.68 -14.49 -9.56
CA VAL A 230 -5.62 -14.18 -8.46
C VAL A 230 -7.04 -14.64 -8.81
N ARG A 231 -7.75 -15.26 -7.88
CA ARG A 231 -9.15 -15.69 -8.07
C ARG A 231 -9.90 -15.64 -6.74
N ILE A 232 -11.18 -15.36 -6.79
CA ILE A 232 -12.02 -15.33 -5.64
C ILE A 232 -13.36 -15.98 -5.89
N ILE A 233 -13.84 -16.70 -4.87
CA ILE A 233 -15.16 -17.30 -4.88
C ILE A 233 -15.79 -16.85 -3.57
N PRO A 234 -16.48 -15.68 -3.58
CA PRO A 234 -17.03 -15.16 -2.31
C PRO A 234 -18.11 -16.00 -1.64
N ASP A 235 -18.88 -16.74 -2.43
CA ASP A 235 -19.94 -17.61 -1.98
C ASP A 235 -19.93 -18.86 -2.81
N ILE A 236 -19.51 -19.99 -2.21
CA ILE A 236 -19.38 -21.27 -2.92
C ILE A 236 -20.74 -21.83 -3.30
N GLY A 237 -21.82 -21.27 -2.77
CA GLY A 237 -23.18 -21.77 -3.06
C GLY A 237 -23.89 -21.02 -4.16
N TYR A 238 -23.18 -20.12 -4.83
CA TYR A 238 -23.77 -19.29 -5.84
C TYR A 238 -24.47 -20.12 -6.93
N ARG A 239 -25.45 -19.50 -7.56
CA ARG A 239 -26.11 -20.04 -8.73
C ARG A 239 -25.47 -19.35 -9.92
N PRO A 240 -24.78 -20.11 -10.81
CA PRO A 240 -24.15 -19.52 -11.98
C PRO A 240 -25.16 -18.75 -12.83
N SER A 241 -24.72 -17.64 -13.39
CA SER A 241 -25.56 -16.82 -14.28
C SER A 241 -24.98 -16.89 -15.67
N PRO A 242 -25.72 -17.50 -16.62
CA PRO A 242 -25.18 -17.70 -17.94
C PRO A 242 -25.00 -16.45 -18.75
N LEU A 243 -24.08 -16.52 -19.71
CA LEU A 243 -23.82 -15.45 -20.66
C LEU A 243 -24.84 -15.56 -21.76
N VAL A 244 -25.32 -14.42 -22.22
CA VAL A 244 -26.35 -14.35 -23.26
C VAL A 244 -25.87 -13.42 -24.34
N PRO A 245 -25.43 -13.95 -25.50
CA PRO A 245 -25.13 -15.35 -25.78
C PRO A 245 -23.69 -15.67 -25.39
N ASP A 246 -23.37 -16.95 -25.33
CA ASP A 246 -22.03 -17.43 -24.99
C ASP A 246 -21.30 -17.59 -26.31
N ILE A 247 -21.03 -16.47 -26.98
CA ILE A 247 -20.40 -16.47 -28.30
C ILE A 247 -19.46 -15.28 -28.44
N ASN A 248 -18.23 -15.51 -28.88
CA ASN A 248 -17.29 -14.44 -29.11
C ASN A 248 -17.69 -13.83 -30.46
N PRO A 249 -18.02 -12.52 -30.47
CA PRO A 249 -18.56 -11.92 -31.71
C PRO A 249 -17.52 -11.78 -32.81
N ARG A 250 -16.24 -11.68 -32.47
CA ARG A 250 -15.22 -11.54 -33.53
C ARG A 250 -14.77 -12.91 -34.10
N LEU A 251 -14.55 -13.90 -33.21
CA LEU A 251 -13.92 -15.17 -33.61
C LEU A 251 -14.85 -16.36 -33.69
N GLY A 252 -16.04 -16.29 -33.06
CA GLY A 252 -16.92 -17.44 -33.02
C GLY A 252 -16.47 -18.19 -31.79
N GLY A 253 -17.23 -19.23 -31.46
CA GLY A 253 -16.95 -20.04 -30.35
C GLY A 253 -17.42 -19.40 -29.05
N PRO A 254 -17.31 -20.16 -27.95
CA PRO A 254 -17.68 -19.71 -26.61
C PRO A 254 -16.77 -18.59 -26.12
N ILE A 255 -17.19 -17.82 -25.12
CA ILE A 255 -16.35 -16.76 -24.62
C ILE A 255 -15.34 -17.35 -23.61
N ASP A 256 -14.07 -17.13 -23.90
CA ASP A 256 -12.96 -17.54 -23.09
C ASP A 256 -12.87 -16.62 -21.87
N LEU A 257 -13.24 -17.16 -20.72
CA LEU A 257 -13.23 -16.38 -19.49
C LEU A 257 -11.94 -16.55 -18.70
N SER A 258 -10.89 -17.06 -19.34
CA SER A 258 -9.60 -17.23 -18.62
C SER A 258 -9.21 -16.05 -17.73
N PHE A 259 -9.31 -14.82 -18.25
CA PHE A 259 -8.89 -13.61 -17.54
C PHE A 259 -10.04 -12.83 -16.88
N SER A 260 -11.19 -13.46 -16.72
CA SER A 260 -12.32 -12.80 -16.14
C SER A 260 -12.43 -13.07 -14.64
N VAL A 261 -12.63 -12.00 -13.85
CA VAL A 261 -12.70 -12.12 -12.39
C VAL A 261 -13.96 -12.81 -11.93
N LEU A 262 -15.01 -12.84 -12.76
CA LEU A 262 -16.30 -13.47 -12.35
C LEU A 262 -16.57 -14.85 -12.93
N ARG A 263 -15.65 -15.41 -13.71
CA ARG A 263 -15.80 -16.71 -14.35
C ARG A 263 -16.38 -17.68 -13.35
N SER A 264 -17.39 -18.43 -13.75
CA SER A 264 -17.90 -19.48 -12.86
C SER A 264 -16.86 -20.60 -12.81
N VAL A 265 -16.72 -21.23 -11.64
CA VAL A 265 -15.68 -22.19 -11.40
C VAL A 265 -16.22 -23.62 -11.38
N SER A 266 -15.34 -24.60 -11.49
CA SER A 266 -15.76 -25.99 -11.58
C SER A 266 -16.65 -26.38 -10.39
N PRO A 267 -17.82 -26.97 -10.67
CA PRO A 267 -18.72 -27.56 -9.70
C PRO A 267 -18.04 -28.56 -8.80
N THR A 268 -17.10 -29.35 -9.33
CA THR A 268 -16.32 -30.32 -8.55
C THR A 268 -15.50 -29.65 -7.48
N HIS A 269 -14.89 -28.51 -7.80
CA HIS A 269 -14.18 -27.75 -6.76
C HIS A 269 -15.16 -27.22 -5.74
N LEU A 270 -16.30 -26.71 -6.20
CA LEU A 270 -17.27 -26.16 -5.24
C LEU A 270 -17.68 -27.22 -4.20
N GLU A 271 -17.85 -28.45 -4.67
CA GLU A 271 -18.29 -29.58 -3.81
C GLU A 271 -17.17 -29.96 -2.85
N TYR A 272 -15.94 -29.89 -3.33
CA TYR A 272 -14.76 -30.03 -2.49
C TYR A 272 -14.81 -29.05 -1.33
N MET A 273 -15.16 -27.81 -1.63
CA MET A 273 -15.21 -26.78 -0.59
C MET A 273 -16.38 -26.96 0.37
N VAL A 274 -17.52 -27.43 -0.12
N VAL A 274 -17.55 -27.46 -0.15
CA VAL A 274 -18.61 -27.82 0.76
CA VAL A 274 -18.65 -27.80 0.75
C VAL A 274 -18.14 -28.82 1.83
C VAL A 274 -18.20 -28.79 1.83
N ASN A 275 -17.41 -29.84 1.38
CA ASN A 275 -16.85 -30.84 2.29
C ASN A 275 -15.79 -30.28 3.19
N MET A 276 -15.08 -29.27 2.73
CA MET A 276 -14.11 -28.56 3.58
C MET A 276 -14.83 -27.81 4.74
N GLY A 277 -16.09 -27.40 4.50
CA GLY A 277 -16.80 -26.52 5.42
C GLY A 277 -16.39 -25.05 5.37
N MET A 278 -15.87 -24.59 4.25
CA MET A 278 -15.53 -23.19 4.12
C MET A 278 -16.24 -22.64 2.91
N HIS A 279 -17.09 -21.62 3.10
CA HIS A 279 -17.96 -21.12 2.00
C HIS A 279 -17.53 -19.89 1.22
N ALA A 280 -16.36 -19.34 1.53
CA ALA A 280 -15.68 -18.31 0.70
C ALA A 280 -14.26 -18.82 0.55
N ALA A 281 -13.68 -18.62 -0.61
CA ALA A 281 -12.31 -19.01 -0.95
C ALA A 281 -11.68 -17.91 -1.83
N MET A 282 -10.41 -17.65 -1.57
CA MET A 282 -9.62 -16.77 -2.44
C MET A 282 -8.19 -17.27 -2.47
N SER A 283 -7.59 -17.28 -3.65
CA SER A 283 -6.20 -17.70 -3.74
C SER A 283 -5.39 -16.86 -4.72
N ILE A 284 -4.09 -16.80 -4.44
CA ILE A 284 -3.10 -16.03 -5.17
C ILE A 284 -1.94 -16.97 -5.44
N SER A 285 -1.55 -17.04 -6.70
CA SER A 285 -0.42 -17.87 -7.17
C SER A 285 0.95 -17.37 -6.71
N ILE A 286 1.88 -18.28 -6.46
CA ILE A 286 3.29 -17.90 -6.34
C ILE A 286 4.01 -18.52 -7.50
N VAL A 287 4.63 -17.69 -8.32
CA VAL A 287 5.18 -18.10 -9.61
C VAL A 287 6.66 -17.79 -9.70
N ARG A 288 7.46 -18.84 -9.85
CA ARG A 288 8.91 -18.71 -10.00
C ARG A 288 9.36 -19.40 -11.29
N ASP A 289 10.12 -18.70 -12.12
CA ASP A 289 10.61 -19.23 -13.41
C ASP A 289 9.46 -19.73 -14.30
N ASN A 290 8.39 -18.92 -14.40
CA ASN A 290 7.21 -19.24 -15.18
C ASN A 290 6.58 -20.59 -14.80
N ARG A 291 6.71 -20.93 -13.53
CA ARG A 291 6.25 -22.20 -13.02
C ARG A 291 5.56 -21.91 -11.68
N LEU A 292 4.48 -22.63 -11.40
CA LEU A 292 3.72 -22.50 -10.15
C LEU A 292 4.52 -23.11 -8.98
N TRP A 293 4.98 -22.27 -8.06
CA TRP A 293 5.73 -22.74 -6.91
C TRP A 293 4.84 -23.14 -5.77
N GLY A 294 3.72 -22.44 -5.67
CA GLY A 294 2.75 -22.59 -4.57
C GLY A 294 1.57 -21.61 -4.70
N MET A 295 0.72 -21.60 -3.65
CA MET A 295 -0.45 -20.72 -3.59
C MET A 295 -0.66 -20.22 -2.17
N ILE A 296 -1.13 -18.98 -2.05
CA ILE A 296 -1.72 -18.46 -0.83
C ILE A 296 -3.20 -18.73 -0.96
N SER A 297 -3.70 -19.59 -0.07
CA SER A 297 -5.10 -20.01 -0.09
C SER A 297 -5.80 -19.47 1.17
N CYS A 298 -6.89 -18.75 0.94
CA CYS A 298 -7.63 -18.01 1.96
C CYS A 298 -9.06 -18.57 2.07
N HIS A 299 -9.45 -19.06 3.24
CA HIS A 299 -10.78 -19.62 3.43
C HIS A 299 -11.54 -18.85 4.52
N ASN A 300 -12.85 -18.77 4.33
CA ASN A 300 -13.74 -18.21 5.31
C ASN A 300 -14.90 -19.18 5.52
N LEU A 301 -15.40 -19.25 6.74
CA LEU A 301 -16.52 -20.12 7.05
C LEU A 301 -17.76 -19.72 6.31
N THR A 302 -18.02 -18.40 6.26
CA THR A 302 -19.29 -17.89 5.72
C THR A 302 -18.95 -17.10 4.45
N PRO A 303 -19.90 -16.94 3.52
CA PRO A 303 -19.62 -16.13 2.32
C PRO A 303 -18.99 -14.75 2.58
N ARG A 304 -18.03 -14.33 1.76
CA ARG A 304 -17.39 -13.05 1.98
C ARG A 304 -16.61 -12.52 0.78
N PHE A 305 -16.78 -11.22 0.49
CA PHE A 305 -16.17 -10.59 -0.67
C PHE A 305 -14.98 -9.77 -0.27
N VAL A 306 -13.99 -9.73 -1.15
CA VAL A 306 -12.80 -8.93 -0.96
C VAL A 306 -12.66 -8.03 -2.19
N SER A 307 -12.55 -6.72 -1.99
CA SER A 307 -12.59 -5.77 -3.13
C SER A 307 -11.40 -5.92 -4.07
N TYR A 308 -11.49 -5.40 -5.29
CA TYR A 308 -10.42 -5.57 -6.24
C TYR A 308 -9.08 -5.04 -5.69
N GLU A 309 -9.13 -3.87 -5.05
CA GLU A 309 -7.96 -3.20 -4.56
C GLU A 309 -7.31 -4.00 -3.41
N VAL A 310 -8.11 -4.64 -2.55
CA VAL A 310 -7.55 -5.52 -1.54
C VAL A 310 -6.87 -6.74 -2.14
N ARG A 311 -7.43 -7.27 -3.23
CA ARG A 311 -6.83 -8.37 -3.98
C ARG A 311 -5.54 -7.95 -4.64
N GLN A 312 -5.46 -6.73 -5.17
CA GLN A 312 -4.22 -6.23 -5.71
C GLN A 312 -3.12 -6.11 -4.62
N ALA A 313 -3.54 -5.83 -3.38
CA ALA A 313 -2.61 -5.74 -2.25
C ALA A 313 -2.05 -7.12 -1.90
N CYS A 314 -2.91 -8.12 -1.77
CA CYS A 314 -2.51 -9.51 -1.63
C CYS A 314 -1.52 -9.98 -2.71
N GLU A 315 -1.71 -9.53 -3.94
CA GLU A 315 -0.89 -9.95 -5.06
C GLU A 315 0.51 -9.36 -4.92
N LEU A 316 0.54 -8.08 -4.54
CA LEU A 316 1.78 -7.39 -4.21
C LEU A 316 2.57 -8.15 -3.14
N ILE A 317 1.89 -8.49 -2.04
CA ILE A 317 2.49 -9.26 -0.96
C ILE A 317 3.09 -10.58 -1.47
N ALA A 318 2.34 -11.23 -2.33
CA ALA A 318 2.71 -12.49 -2.93
C ALA A 318 3.94 -12.32 -3.78
N GLN A 319 3.97 -11.26 -4.59
CA GLN A 319 5.10 -11.00 -5.47
C GLN A 319 6.40 -10.70 -4.65
N VAL A 320 6.31 -9.98 -3.52
CA VAL A 320 7.49 -9.75 -2.67
C VAL A 320 7.96 -11.04 -1.99
N LEU A 321 6.99 -11.84 -1.54
CA LEU A 321 7.25 -13.17 -1.00
C LEU A 321 8.00 -13.97 -2.07
N THR A 322 7.48 -13.97 -3.28
CA THR A 322 8.09 -14.68 -4.40
C THR A 322 9.56 -14.33 -4.57
N TRP A 323 9.89 -13.04 -4.58
CA TRP A 323 11.30 -12.62 -4.62
C TRP A 323 12.13 -13.17 -3.45
N GLN A 324 11.57 -13.14 -2.25
CA GLN A 324 12.30 -13.57 -1.08
C GLN A 324 12.53 -15.09 -1.02
N ILE A 325 11.58 -15.85 -1.53
CA ILE A 325 11.75 -17.29 -1.69
C ILE A 325 13.05 -17.57 -2.44
N GLY A 326 13.23 -16.87 -3.56
CA GLY A 326 14.42 -16.96 -4.37
C GLY A 326 15.68 -16.54 -3.63
N VAL A 327 15.62 -15.40 -2.94
CA VAL A 327 16.77 -14.92 -2.15
C VAL A 327 17.18 -15.98 -1.14
N LEU A 328 16.20 -16.62 -0.51
CA LEU A 328 16.48 -17.66 0.49
C LEU A 328 17.03 -18.94 -0.14
N GLU A 329 16.41 -19.42 -1.21
CA GLU A 329 16.91 -20.58 -1.97
C GLU A 329 18.38 -20.33 -2.35
N GLU A 330 18.67 -19.23 -3.03
CA GLU A 330 20.06 -18.94 -3.42
C GLU A 330 21.04 -18.88 -2.22
N ALA A 331 20.62 -18.31 -1.09
CA ALA A 331 21.50 -18.19 0.10
C ALA A 331 22.01 -19.55 0.60
N GLU A 332 21.20 -20.61 0.41
CA GLU A 332 21.60 -21.97 0.78
C GLU A 332 22.66 -22.54 -0.16
N ILE A 333 22.46 -22.36 -1.46
CA ILE A 333 23.37 -22.92 -2.47
C ILE A 333 24.61 -22.04 -2.65
N GLU B 27 34.26 20.23 11.39
CA GLU B 27 34.10 19.19 10.33
C GLU B 27 32.63 18.80 10.14
N CYS B 28 32.27 18.53 8.87
CA CYS B 28 30.93 18.11 8.47
C CYS B 28 30.43 16.94 9.30
N ASP B 29 31.24 15.88 9.35
CA ASP B 29 30.88 14.60 9.93
C ASP B 29 30.88 14.60 11.47
N ARG B 30 31.38 15.67 12.10
CA ARG B 30 31.50 15.76 13.56
C ARG B 30 30.34 16.45 14.29
N GLU B 31 29.56 17.25 13.57
CA GLU B 31 28.41 17.93 14.18
C GLU B 31 27.36 16.95 14.75
N PRO B 32 27.08 17.00 16.07
CA PRO B 32 26.03 16.16 16.69
C PRO B 32 24.58 16.55 16.34
N ILE B 33 24.18 16.19 15.12
CA ILE B 33 22.91 16.66 14.56
C ILE B 33 21.69 16.09 15.31
N HIS B 34 21.92 15.10 16.16
CA HIS B 34 20.83 14.40 16.85
C HIS B 34 20.45 14.99 18.18
N ILE B 35 21.28 15.90 18.68
CA ILE B 35 21.03 16.61 19.94
C ILE B 35 21.11 18.15 19.80
N PRO B 36 20.28 18.75 18.95
CA PRO B 36 20.30 20.21 18.81
C PRO B 36 19.50 20.92 19.93
N GLY B 37 18.69 20.17 20.68
CA GLY B 37 17.91 20.79 21.77
C GLY B 37 16.95 21.86 21.26
N ALA B 38 16.38 21.64 20.08
CA ALA B 38 15.38 22.55 19.46
C ALA B 38 14.62 21.82 18.36
N ILE B 39 13.37 22.20 18.09
CA ILE B 39 12.57 21.64 16.99
C ILE B 39 12.22 22.67 15.89
N GLN B 40 11.61 22.16 14.83
CA GLN B 40 11.02 23.02 13.80
C GLN B 40 9.63 23.41 14.30
N PRO B 41 9.31 24.74 14.28
CA PRO B 41 8.12 25.22 15.01
C PRO B 41 6.76 25.03 14.29
N HIS B 42 6.70 24.28 13.18
CA HIS B 42 5.38 23.93 12.62
C HIS B 42 4.61 22.92 13.46
N GLY B 43 5.26 22.35 14.46
CA GLY B 43 4.61 21.40 15.39
C GLY B 43 5.05 21.67 16.82
N TYR B 44 4.63 20.79 17.72
CA TYR B 44 4.89 20.92 19.13
C TYR B 44 5.47 19.59 19.70
N LEU B 45 6.46 19.69 20.60
CA LEU B 45 7.06 18.51 21.24
C LEU B 45 6.91 18.53 22.74
N PHE B 46 6.48 17.39 23.26
CA PHE B 46 6.39 17.11 24.67
C PHE B 46 7.23 15.88 24.96
N VAL B 47 8.08 15.98 25.98
CA VAL B 47 8.70 14.79 26.55
C VAL B 47 7.88 14.48 27.79
N VAL B 48 7.48 13.22 27.93
CA VAL B 48 6.65 12.77 29.01
C VAL B 48 7.26 11.53 29.60
N SER B 49 6.88 11.26 30.84
CA SER B 49 7.30 10.06 31.53
C SER B 49 6.57 8.81 31.04
N GLU B 50 7.29 7.69 31.16
CA GLU B 50 6.80 6.35 30.85
C GLU B 50 5.64 5.93 31.79
N THR B 51 5.68 6.47 33.00
CA THR B 51 4.80 6.08 34.10
C THR B 51 3.37 6.67 34.00
N ASP B 52 3.19 7.93 34.41
CA ASP B 52 1.86 8.57 34.49
C ASP B 52 1.71 9.73 33.49
N LEU B 53 2.65 9.81 32.55
CA LEU B 53 2.63 10.80 31.47
C LEU B 53 2.64 12.22 31.97
N ARG B 54 3.50 12.52 32.94
CA ARG B 54 3.69 13.90 33.39
C ARG B 54 4.73 14.56 32.49
N ILE B 55 4.52 15.84 32.17
CA ILE B 55 5.38 16.56 31.25
C ILE B 55 6.76 16.78 31.88
N ALA B 56 7.78 16.31 31.20
CA ALA B 56 9.16 16.46 31.65
C ALA B 56 9.85 17.58 30.85
N SER B 57 9.38 17.85 29.63
CA SER B 57 9.93 18.92 28.81
C SER B 57 8.96 19.26 27.67
N VAL B 58 8.97 20.52 27.24
CA VAL B 58 8.22 20.94 26.08
C VAL B 58 9.09 21.84 25.22
N SER B 59 8.73 21.91 23.94
CA SER B 59 9.23 22.93 23.05
C SER B 59 8.68 24.31 23.50
N ALA B 60 9.54 25.32 23.43
CA ALA B 60 9.23 26.66 23.93
C ALA B 60 7.93 27.23 23.32
N ASN B 61 7.66 26.87 22.06
CA ASN B 61 6.45 27.34 21.37
C ASN B 61 5.13 26.77 21.91
N VAL B 62 5.20 25.76 22.77
CA VAL B 62 3.99 25.24 23.43
C VAL B 62 3.32 26.35 24.28
N GLU B 63 4.12 27.36 24.71
CA GLU B 63 3.57 28.55 25.37
C GLU B 63 2.55 29.27 24.47
N ASP B 64 2.71 29.20 23.16
CA ASP B 64 1.73 29.82 22.23
C ASP B 64 0.47 28.95 22.13
N LEU B 65 0.64 27.63 22.14
CA LEU B 65 -0.51 26.73 22.13
C LEU B 65 -1.35 26.81 23.43
N LEU B 66 -0.71 26.68 24.59
CA LEU B 66 -1.42 26.49 25.87
C LEU B 66 -1.55 27.77 26.71
N ARG B 67 -0.86 28.83 26.28
CA ARG B 67 -0.78 30.14 26.94
C ARG B 67 -0.37 30.10 28.41
N GLN B 68 0.58 29.20 28.70
CA GLN B 68 1.26 29.13 29.99
C GLN B 68 2.76 28.99 29.72
N PRO B 69 3.60 29.39 30.69
CA PRO B 69 5.01 29.16 30.44
C PRO B 69 5.38 27.68 30.63
N PRO B 70 6.46 27.26 29.97
CA PRO B 70 6.96 25.89 30.13
C PRO B 70 7.07 25.44 31.59
N ALA B 71 7.59 26.29 32.49
CA ALA B 71 7.78 25.91 33.90
C ALA B 71 6.48 25.50 34.64
N SER B 72 5.39 26.19 34.31
CA SER B 72 4.07 25.84 34.82
C SER B 72 3.57 24.48 34.28
N LEU B 73 4.05 24.09 33.09
CA LEU B 73 3.70 22.80 32.51
C LEU B 73 4.43 21.61 33.13
N LEU B 74 5.62 21.85 33.69
CA LEU B 74 6.46 20.75 34.16
C LEU B 74 5.79 19.97 35.32
N ASN B 75 5.85 18.65 35.21
CA ASN B 75 5.22 17.72 36.14
C ASN B 75 3.67 17.60 36.06
N VAL B 76 3.01 18.34 35.17
CA VAL B 76 1.56 18.14 34.98
C VAL B 76 1.29 16.93 34.08
N PRO B 77 0.35 16.04 34.48
CA PRO B 77 -0.07 14.94 33.58
C PRO B 77 -0.49 15.50 32.24
N ILE B 78 -0.02 14.92 31.14
CA ILE B 78 -0.34 15.48 29.83
C ILE B 78 -1.85 15.32 29.48
N ALA B 79 -2.52 14.34 30.11
CA ALA B 79 -3.99 14.19 29.99
C ALA B 79 -4.77 15.46 30.40
N HIS B 80 -4.15 16.27 31.24
CA HIS B 80 -4.77 17.51 31.71
CA HIS B 80 -4.73 17.52 31.72
C HIS B 80 -5.01 18.50 30.57
N TYR B 81 -4.33 18.32 29.46
CA TYR B 81 -4.47 19.21 28.30
C TYR B 81 -5.09 18.51 27.09
N LEU B 82 -5.55 17.27 27.27
CA LEU B 82 -6.17 16.52 26.20
C LEU B 82 -7.66 16.34 26.49
N THR B 83 -8.47 16.14 25.44
CA THR B 83 -9.87 15.76 25.63
C THR B 83 -9.81 14.36 26.24
N ALA B 84 -10.89 13.97 26.91
CA ALA B 84 -11.04 12.64 27.50
C ALA B 84 -10.73 11.48 26.52
N ALA B 85 -11.23 11.58 25.28
CA ALA B 85 -11.00 10.51 24.29
C ALA B 85 -9.57 10.50 23.75
N SER B 86 -9.03 11.71 23.51
CA SER B 86 -7.64 11.87 23.11
C SER B 86 -6.70 11.20 24.11
N ALA B 87 -6.94 11.46 25.39
CA ALA B 87 -6.16 10.86 26.48
C ALA B 87 -6.29 9.33 26.51
N ALA B 88 -7.49 8.82 26.21
CA ALA B 88 -7.72 7.37 26.17
C ALA B 88 -6.94 6.70 25.04
N ARG B 89 -6.95 7.32 23.86
CA ARG B 89 -6.16 6.85 22.71
C ARG B 89 -4.66 6.91 23.01
N LEU B 90 -4.19 8.02 23.58
CA LEU B 90 -2.76 8.16 23.86
C LEU B 90 -2.32 7.03 24.79
N THR B 91 -3.16 6.74 25.78
CA THR B 91 -2.83 5.78 26.85
C THR B 91 -2.74 4.34 26.32
N HIS B 92 -3.65 3.99 25.41
CA HIS B 92 -3.66 2.65 24.80
C HIS B 92 -2.57 2.50 23.73
N ALA B 93 -2.22 3.59 23.05
CA ALA B 93 -1.08 3.56 22.15
C ALA B 93 0.20 3.06 22.87
N LEU B 94 0.39 3.55 24.10
CA LEU B 94 1.47 3.06 24.96
C LEU B 94 1.17 1.70 25.63
N HIS B 95 0.30 0.91 25.00
CA HIS B 95 0.07 -0.50 25.35
C HIS B 95 0.77 -1.37 24.28
N GLY B 96 0.10 -1.61 23.15
CA GLY B 96 0.60 -2.49 22.11
C GLY B 96 -0.55 -3.23 21.45
N ALA B 101 2.76 0.39 13.84
CA ALA B 101 1.30 0.37 13.64
C ALA B 101 0.47 1.31 14.54
N ILE B 102 1.08 2.31 15.16
CA ILE B 102 0.29 3.22 16.03
C ILE B 102 0.14 4.64 15.48
N ASN B 103 1.18 5.17 14.84
CA ASN B 103 1.14 6.55 14.38
C ASN B 103 0.39 6.69 13.07
N PRO B 104 -0.32 7.81 12.86
CA PRO B 104 -0.53 8.93 13.78
C PRO B 104 -1.76 8.69 14.61
N ILE B 105 -1.82 9.31 15.79
CA ILE B 105 -2.94 9.23 16.71
C ILE B 105 -3.58 10.59 16.61
N ARG B 106 -4.89 10.62 16.43
CA ARG B 106 -5.58 11.89 16.39
C ARG B 106 -5.68 12.38 17.82
N LEU B 107 -5.37 13.64 18.04
CA LEU B 107 -5.43 14.18 19.39
C LEU B 107 -6.02 15.57 19.32
N ASP B 108 -7.01 15.81 20.17
CA ASP B 108 -7.57 17.15 20.34
C ASP B 108 -7.12 17.70 21.67
N VAL B 109 -6.48 18.87 21.64
CA VAL B 109 -5.87 19.47 22.82
C VAL B 109 -6.74 20.61 23.34
N VAL B 110 -6.90 20.67 24.66
CA VAL B 110 -7.66 21.72 25.33
C VAL B 110 -6.78 22.98 25.55
N THR B 111 -7.16 24.05 24.86
CA THR B 111 -6.48 25.32 25.04
C THR B 111 -7.49 26.34 25.59
N PRO B 112 -7.01 27.45 26.18
CA PRO B 112 -7.85 28.59 26.51
C PRO B 112 -8.79 29.01 25.38
N ASP B 113 -8.30 28.98 24.13
CA ASP B 113 -9.12 29.37 22.96
C ASP B 113 -9.88 28.19 22.30
N GLY B 114 -10.23 27.18 23.11
CA GLY B 114 -10.95 25.98 22.64
C GLY B 114 -10.04 24.81 22.33
N GLU B 115 -10.57 23.86 21.56
CA GLU B 115 -9.82 22.69 21.10
C GLU B 115 -9.08 22.96 19.79
N ARG B 116 -7.92 22.33 19.65
CA ARG B 116 -7.21 22.21 18.38
C ARG B 116 -6.93 20.73 18.15
N ALA B 117 -7.18 20.26 16.93
CA ALA B 117 -6.94 18.86 16.54
C ALA B 117 -5.54 18.68 15.93
N PHE B 118 -4.91 17.55 16.26
CA PHE B 118 -3.55 17.31 15.82
C PHE B 118 -3.32 15.88 15.43
N ASN B 119 -2.33 15.68 14.56
CA ASN B 119 -1.67 14.38 14.39
C ASN B 119 -0.59 14.18 15.45
N GLY B 120 -0.85 13.24 16.36
CA GLY B 120 0.13 12.86 17.37
C GLY B 120 1.06 11.76 16.87
N ILE B 121 2.37 12.05 16.90
CA ILE B 121 3.42 11.09 16.57
C ILE B 121 4.25 10.77 17.84
N LEU B 122 4.18 9.51 18.24
CA LEU B 122 4.66 9.01 19.48
C LEU B 122 5.85 8.09 19.19
N HIS B 123 6.96 8.36 19.88
N HIS B 123 6.96 8.31 19.89
CA HIS B 123 8.20 7.55 19.86
CA HIS B 123 8.10 7.41 19.85
C HIS B 123 8.53 7.20 21.31
C HIS B 123 8.60 7.22 21.27
N ARG B 124 9.09 6.03 21.56
CA ARG B 124 9.43 5.63 22.93
C ARG B 124 10.85 5.07 23.03
N HIS B 125 11.71 5.81 23.71
CA HIS B 125 13.15 5.54 23.79
C HIS B 125 13.83 6.24 24.99
N ASP B 126 14.96 5.70 25.39
CA ASP B 126 15.79 6.29 26.43
C ASP B 126 14.97 6.55 27.69
N SER B 127 14.15 5.57 28.03
CA SER B 127 13.29 5.60 29.22
C SER B 127 12.30 6.77 29.23
N ILE B 128 12.02 7.35 28.06
CA ILE B 128 11.05 8.44 27.98
C ILE B 128 10.23 8.27 26.74
N VAL B 129 9.10 8.97 26.73
CA VAL B 129 8.21 9.01 25.61
C VAL B 129 8.31 10.41 24.99
N ILE B 130 8.50 10.50 23.69
CA ILE B 130 8.39 11.77 23.01
C ILE B 130 7.09 11.79 22.21
N LEU B 131 6.29 12.85 22.39
CA LEU B 131 5.06 13.07 21.65
C LEU B 131 5.16 14.37 20.87
N GLU B 132 5.04 14.25 19.54
CA GLU B 132 5.04 15.40 18.64
C GLU B 132 3.64 15.57 18.01
N LEU B 133 3.22 16.82 17.90
CA LEU B 133 1.95 17.18 17.32
C LEU B 133 2.22 17.92 16.03
N GLU B 134 1.56 17.46 14.98
CA GLU B 134 1.64 18.07 13.67
C GLU B 134 0.23 18.46 13.25
N PRO B 135 0.12 19.40 12.31
CA PRO B 135 -1.16 19.59 11.61
C PRO B 135 -1.61 18.31 10.94
N ARG B 136 -2.89 17.97 11.11
CA ARG B 136 -3.55 16.82 10.46
C ARG B 136 -3.67 16.98 8.96
N ASP B 137 -3.97 15.86 8.28
CA ASP B 137 -4.14 15.79 6.81
C ASP B 137 -5.16 16.80 6.25
N GLU B 138 -4.89 17.26 5.00
CA GLU B 138 -5.64 18.34 4.34
C GLU B 138 -5.41 19.66 5.11
N ASN B 143 -8.68 11.02 -1.46
CA ASN B 143 -9.47 10.00 -2.22
C ASN B 143 -9.04 9.78 -3.70
N GLU B 144 -8.96 10.86 -4.45
CA GLU B 144 -8.01 11.00 -5.56
C GLU B 144 -6.62 10.62 -5.04
N PHE B 145 -6.35 11.00 -3.79
CA PHE B 145 -5.13 10.63 -3.08
C PHE B 145 -4.90 9.11 -3.00
N PHE B 146 -5.85 8.35 -2.47
CA PHE B 146 -5.69 6.90 -2.33
C PHE B 146 -5.55 6.21 -3.70
N ARG B 147 -6.35 6.64 -4.67
CA ARG B 147 -6.20 6.07 -6.01
C ARG B 147 -4.79 6.28 -6.53
N SER B 148 -4.26 7.49 -6.35
CA SER B 148 -2.99 7.84 -6.98
C SER B 148 -1.80 7.09 -6.37
N VAL B 149 -1.87 6.74 -5.09
CA VAL B 149 -0.86 5.87 -4.48
C VAL B 149 -0.94 4.45 -5.03
N ARG B 150 -2.16 3.93 -5.12
N ARG B 150 -2.16 3.95 -5.18
CA ARG B 150 -2.38 2.61 -5.71
CA ARG B 150 -2.38 2.62 -5.70
C ARG B 150 -1.78 2.52 -7.13
C ARG B 150 -1.95 2.45 -7.17
N VAL B 151 -2.10 3.49 -8.00
CA VAL B 151 -1.59 3.43 -9.40
C VAL B 151 -0.09 3.60 -9.48
N ALA B 152 0.48 4.47 -8.67
CA ALA B 152 1.92 4.64 -8.60
C ALA B 152 2.62 3.31 -8.34
N ILE B 153 2.07 2.57 -7.39
CA ILE B 153 2.61 1.28 -6.99
C ILE B 153 2.39 0.26 -8.09
N ARG B 154 1.22 0.27 -8.73
CA ARG B 154 0.96 -0.64 -9.87
C ARG B 154 1.90 -0.38 -11.08
N ARG B 155 2.23 0.89 -11.34
CA ARG B 155 3.22 1.25 -12.39
C ARG B 155 4.64 0.82 -12.03
N LEU B 156 4.99 0.83 -10.74
CA LEU B 156 6.29 0.30 -10.25
C LEU B 156 6.40 -1.22 -10.37
N GLN B 157 5.32 -1.93 -10.01
CA GLN B 157 5.19 -3.39 -10.19
C GLN B 157 5.43 -3.88 -11.63
N THR B 158 5.29 -3.00 -12.63
CA THR B 158 5.47 -3.36 -14.03
C THR B 158 6.55 -2.48 -14.66
N ALA B 159 7.44 -1.95 -13.83
CA ALA B 159 8.55 -1.14 -14.30
C ALA B 159 9.42 -1.97 -15.24
N ALA B 160 9.73 -1.42 -16.42
CA ALA B 160 10.52 -2.14 -17.44
C ALA B 160 12.00 -2.22 -17.04
N ASP B 161 12.52 -1.14 -16.46
CA ASP B 161 13.91 -1.09 -16.08
C ASP B 161 14.11 -0.13 -14.93
N LEU B 162 15.32 -0.15 -14.37
CA LEU B 162 15.64 0.58 -13.14
C LEU B 162 15.48 2.11 -13.28
N PRO B 163 16.03 2.69 -14.37
CA PRO B 163 15.81 4.15 -14.57
C PRO B 163 14.34 4.56 -14.72
N THR B 164 13.53 3.75 -15.40
CA THR B 164 12.10 3.99 -15.53
C THR B 164 11.37 3.92 -14.19
N ALA B 165 11.71 2.92 -13.38
CA ALA B 165 11.13 2.79 -12.03
C ALA B 165 11.39 4.04 -11.19
N CYS B 166 12.59 4.60 -11.34
CA CYS B 166 12.99 5.78 -10.56
C CYS B 166 12.26 7.03 -10.97
N TRP B 167 12.12 7.22 -12.28
CA TRP B 167 11.31 8.30 -12.82
C TRP B 167 9.88 8.21 -12.31
N ILE B 168 9.29 7.01 -12.39
CA ILE B 168 7.90 6.77 -11.93
C ILE B 168 7.70 7.20 -10.47
N ALA B 169 8.67 6.84 -9.64
CA ALA B 169 8.65 7.19 -8.23
C ALA B 169 8.79 8.70 -8.07
N ALA B 170 9.71 9.29 -8.84
CA ALA B 170 9.88 10.76 -8.88
C ALA B 170 8.57 11.47 -9.19
N SER B 171 7.94 11.09 -10.31
CA SER B 171 6.70 11.74 -10.76
C SER B 171 5.50 11.48 -9.86
N GLU B 172 5.35 10.25 -9.38
CA GLU B 172 4.23 9.94 -8.48
C GLU B 172 4.41 10.61 -7.09
N VAL B 173 5.64 10.68 -6.61
CA VAL B 173 5.92 11.45 -5.41
C VAL B 173 5.57 12.94 -5.69
N ARG B 174 5.97 13.45 -6.84
CA ARG B 174 5.62 14.84 -7.16
C ARG B 174 4.12 15.06 -7.29
N ARG B 175 3.40 14.10 -7.88
CA ARG B 175 1.95 14.26 -8.02
C ARG B 175 1.23 14.37 -6.66
N ILE B 176 1.68 13.60 -5.67
CA ILE B 176 0.97 13.55 -4.38
C ILE B 176 1.50 14.56 -3.35
N THR B 177 2.80 14.87 -3.42
CA THR B 177 3.36 15.86 -2.52
C THR B 177 3.12 17.29 -2.99
N GLY B 178 3.34 17.55 -4.28
CA GLY B 178 3.15 18.87 -4.86
C GLY B 178 4.39 19.73 -4.77
N PHE B 179 5.49 19.12 -4.32
CA PHE B 179 6.79 19.78 -4.32
C PHE B 179 7.20 20.04 -5.75
N ASP B 180 7.93 21.14 -5.97
CA ASP B 180 8.23 21.57 -7.34
C ASP B 180 9.23 20.66 -8.06
N ARG B 181 10.06 19.92 -7.34
CA ARG B 181 11.09 19.08 -7.94
C ARG B 181 11.44 17.87 -7.07
N ILE B 182 11.43 16.68 -7.68
CA ILE B 182 11.77 15.44 -7.00
C ILE B 182 12.97 14.82 -7.71
N LYS B 183 13.84 14.18 -6.93
CA LYS B 183 15.06 13.61 -7.47
C LYS B 183 15.35 12.28 -6.82
N VAL B 184 15.63 11.28 -7.66
CA VAL B 184 16.22 10.03 -7.18
C VAL B 184 17.75 10.16 -7.23
N TYR B 185 18.37 10.07 -6.05
CA TYR B 185 19.77 10.38 -5.87
C TYR B 185 20.47 9.14 -5.32
N GLN B 186 21.39 8.58 -6.10
CA GLN B 186 22.03 7.31 -5.76
C GLN B 186 23.47 7.52 -5.36
N PHE B 187 23.89 6.89 -4.26
CA PHE B 187 25.28 7.00 -3.82
C PHE B 187 26.21 6.11 -4.65
N ALA B 188 27.48 6.51 -4.70
CA ALA B 188 28.52 5.71 -5.33
C ALA B 188 29.35 5.00 -4.25
N ALA B 189 30.27 4.15 -4.69
CA ALA B 189 31.19 3.43 -3.80
C ALA B 189 31.83 4.34 -2.74
N ASP B 190 32.30 5.51 -3.18
CA ASP B 190 32.99 6.49 -2.33
C ASP B 190 32.07 7.40 -1.48
N TRP B 191 30.77 7.06 -1.42
CA TRP B 191 29.76 7.82 -0.66
C TRP B 191 29.45 9.21 -1.20
N SER B 192 29.98 9.50 -2.38
CA SER B 192 29.50 10.61 -3.20
C SER B 192 28.35 10.02 -4.00
N GLY B 193 27.54 10.87 -4.62
CA GLY B 193 26.38 10.38 -5.36
C GLY B 193 26.07 11.20 -6.58
N GLN B 194 25.01 10.81 -7.30
CA GLN B 194 24.46 11.62 -8.38
C GLN B 194 22.95 11.40 -8.62
N VAL B 195 22.34 12.41 -9.25
CA VAL B 195 20.92 12.39 -9.59
C VAL B 195 20.69 11.53 -10.83
N ILE B 196 20.16 10.32 -10.62
CA ILE B 196 19.91 9.39 -11.71
C ILE B 196 18.50 9.51 -12.26
N ALA B 197 17.63 10.28 -11.61
CA ALA B 197 16.26 10.50 -12.11
C ALA B 197 15.62 11.73 -11.50
N GLU B 198 14.64 12.29 -12.23
CA GLU B 198 14.06 13.59 -11.89
C GLU B 198 12.72 13.84 -12.57
N ASP B 199 11.87 14.60 -11.87
CA ASP B 199 10.61 15.08 -12.44
C ASP B 199 10.24 16.38 -11.71
N ARG B 200 9.83 17.37 -12.49
CA ARG B 200 9.74 18.75 -12.03
C ARG B 200 8.75 19.56 -12.85
N ASP B 201 8.30 20.67 -12.27
CA ASP B 201 7.34 21.55 -12.92
C ASP B 201 8.02 22.42 -14.00
N SER B 202 7.22 23.21 -14.71
CA SER B 202 7.72 24.12 -15.74
C SER B 202 8.64 25.18 -15.13
N GLY B 203 9.88 25.25 -15.62
CA GLY B 203 10.81 26.29 -15.24
C GLY B 203 11.45 26.13 -13.87
N ILE B 204 11.49 24.90 -13.36
CA ILE B 204 12.33 24.57 -12.22
C ILE B 204 13.65 24.05 -12.81
N PRO B 205 14.82 24.49 -12.29
CA PRO B 205 16.10 23.98 -12.82
C PRO B 205 16.31 22.47 -12.62
N SER B 206 17.04 21.85 -13.54
CA SER B 206 17.28 20.40 -13.51
C SER B 206 18.65 20.08 -12.93
N LEU B 207 18.70 19.05 -12.10
CA LEU B 207 19.97 18.56 -11.55
C LEU B 207 20.30 17.16 -12.06
N LEU B 208 19.67 16.75 -13.16
CA LEU B 208 19.82 15.38 -13.67
C LEU B 208 21.28 15.11 -14.07
N ASP B 209 21.79 13.97 -13.59
CA ASP B 209 23.16 13.48 -13.86
C ASP B 209 24.27 14.21 -13.09
N PHE B 210 23.93 15.23 -12.28
CA PHE B 210 24.94 15.98 -11.52
C PHE B 210 25.54 15.19 -10.35
N HIS B 211 26.87 15.14 -10.27
CA HIS B 211 27.58 14.49 -9.15
C HIS B 211 27.81 15.48 -8.02
N PHE B 212 27.66 15.01 -6.78
CA PHE B 212 27.96 15.82 -5.58
C PHE B 212 28.86 15.01 -4.65
N PRO B 213 29.67 15.68 -3.80
CA PRO B 213 30.60 14.99 -2.92
C PRO B 213 30.01 14.48 -1.58
N SER B 214 30.63 13.43 -1.05
CA SER B 214 30.18 12.74 0.16
C SER B 214 30.01 13.63 1.40
N SER B 215 30.69 14.77 1.41
CA SER B 215 30.56 15.75 2.48
C SER B 215 29.20 16.46 2.46
N ASP B 216 28.49 16.40 1.34
CA ASP B 216 27.17 17.02 1.24
C ASP B 216 26.12 16.30 2.07
N ILE B 217 26.18 14.97 2.12
CA ILE B 217 25.45 14.15 3.11
C ILE B 217 26.48 13.38 3.96
N PRO B 218 27.00 14.01 5.04
CA PRO B 218 28.16 13.46 5.76
C PRO B 218 27.81 12.26 6.64
N ALA B 219 28.84 11.63 7.18
CA ALA B 219 28.72 10.28 7.78
C ALA B 219 27.66 10.10 8.87
N GLN B 220 27.57 11.06 9.79
CA GLN B 220 26.67 10.94 10.92
C GLN B 220 25.21 11.10 10.47
N SER B 221 25.03 11.72 9.30
CA SER B 221 23.74 11.90 8.64
C SER B 221 23.29 10.61 8.00
N ARG B 222 24.17 10.06 7.17
CA ARG B 222 23.88 8.86 6.45
C ARG B 222 23.48 7.78 7.44
N ALA B 223 24.19 7.72 8.57
CA ALA B 223 23.89 6.75 9.62
C ALA B 223 22.47 6.90 10.20
N LEU B 224 22.10 8.13 10.52
CA LEU B 224 20.76 8.42 11.03
C LEU B 224 19.71 8.05 9.99
N TYR B 225 19.94 8.51 8.76
CA TYR B 225 19.01 8.30 7.66
C TYR B 225 18.84 6.84 7.24
N THR B 226 19.75 5.98 7.71
CA THR B 226 19.68 4.54 7.48
C THR B 226 18.68 3.87 8.44
N ILE B 227 18.51 4.39 9.64
CA ILE B 227 17.53 3.84 10.55
C ILE B 227 16.28 4.75 10.72
N ASN B 228 16.40 6.03 10.36
CA ASN B 228 15.26 6.95 10.33
C ASN B 228 15.00 7.46 8.89
N PRO B 229 14.09 6.77 8.15
CA PRO B 229 13.99 6.87 6.70
C PRO B 229 13.30 8.09 6.07
N VAL B 230 12.55 8.88 6.84
CA VAL B 230 11.86 10.07 6.30
C VAL B 230 12.19 11.32 7.08
N ARG B 231 12.40 12.42 6.37
CA ARG B 231 12.52 13.70 7.01
C ARG B 231 11.90 14.81 6.15
N ILE B 232 11.31 15.80 6.84
CA ILE B 232 10.81 17.01 6.18
C ILE B 232 11.29 18.31 6.86
N ILE B 233 11.71 19.28 6.02
CA ILE B 233 11.96 20.69 6.44
C ILE B 233 10.98 21.61 5.66
N PRO B 234 9.81 21.93 6.26
CA PRO B 234 8.81 22.70 5.51
C PRO B 234 9.19 24.15 5.16
N ASP B 235 10.12 24.72 5.91
CA ASP B 235 10.57 26.09 5.74
C ASP B 235 12.03 26.17 6.19
N ILE B 236 12.94 26.32 5.22
CA ILE B 236 14.35 26.51 5.55
C ILE B 236 14.54 27.58 6.61
N GLY B 237 13.83 28.69 6.48
CA GLY B 237 14.06 29.86 7.32
C GLY B 237 13.34 29.89 8.65
N TYR B 238 12.87 28.75 9.12
CA TYR B 238 12.28 28.71 10.44
C TYR B 238 13.26 29.17 11.53
N ARG B 239 12.69 29.67 12.62
CA ARG B 239 13.42 29.95 13.84
C ARG B 239 13.22 28.76 14.77
N PRO B 240 14.32 28.11 15.20
CA PRO B 240 14.13 26.97 16.09
C PRO B 240 13.43 27.36 17.40
N SER B 241 12.52 26.48 17.85
CA SER B 241 11.93 26.58 19.18
C SER B 241 12.72 25.65 20.12
N PRO B 242 13.38 26.21 21.17
CA PRO B 242 14.14 25.36 22.08
C PRO B 242 13.32 24.39 22.95
N LEU B 243 13.96 23.30 23.36
CA LEU B 243 13.41 22.35 24.32
C LEU B 243 13.63 22.85 25.76
N VAL B 244 12.53 22.96 26.52
CA VAL B 244 12.59 23.50 27.86
C VAL B 244 12.14 22.50 28.94
N PRO B 245 13.09 21.97 29.74
CA PRO B 245 14.54 22.03 29.63
C PRO B 245 15.04 20.93 28.69
N ASP B 246 16.24 21.14 28.13
CA ASP B 246 16.87 20.16 27.26
C ASP B 246 17.63 19.14 28.06
N ILE B 247 16.89 18.27 28.76
CA ILE B 247 17.49 17.31 29.68
C ILE B 247 16.61 16.06 29.69
N ASN B 248 17.24 14.89 29.58
CA ASN B 248 16.52 13.64 29.75
C ASN B 248 16.41 13.37 31.25
N PRO B 249 15.17 13.30 31.77
CA PRO B 249 14.96 13.32 33.21
C PRO B 249 15.28 12.02 33.93
N ARG B 250 15.41 10.93 33.19
CA ARG B 250 15.66 9.60 33.78
C ARG B 250 17.13 9.25 33.69
N LEU B 251 17.81 9.74 32.65
CA LEU B 251 19.17 9.30 32.36
C LEU B 251 20.15 10.46 32.35
N GLY B 252 19.66 11.70 32.41
CA GLY B 252 20.54 12.86 32.26
C GLY B 252 20.99 13.04 30.82
N GLY B 253 21.50 14.23 30.48
CA GLY B 253 22.02 14.51 29.15
C GLY B 253 20.98 15.19 28.28
N PRO B 254 21.42 15.72 27.12
CA PRO B 254 20.56 16.37 26.12
C PRO B 254 19.54 15.38 25.61
N ILE B 255 18.38 15.87 25.19
CA ILE B 255 17.33 14.94 24.74
C ILE B 255 17.72 14.40 23.35
N ASP B 256 17.79 13.07 23.24
CA ASP B 256 18.17 12.47 21.97
C ASP B 256 16.95 12.53 21.05
N LEU B 257 17.06 13.34 20.00
CA LEU B 257 15.99 13.56 19.05
C LEU B 257 16.15 12.75 17.76
N SER B 258 16.97 11.70 17.75
CA SER B 258 17.24 10.90 16.54
C SER B 258 15.99 10.50 15.76
N PHE B 259 15.02 9.99 16.50
CA PHE B 259 13.75 9.56 15.95
C PHE B 259 12.65 10.64 15.98
N SER B 260 13.00 11.89 16.22
CA SER B 260 11.99 12.94 16.30
C SER B 260 11.65 13.44 14.90
N VAL B 261 10.37 13.56 14.57
CA VAL B 261 10.00 14.15 13.28
C VAL B 261 10.22 15.69 13.22
N LEU B 262 10.20 16.35 14.37
CA LEU B 262 10.33 17.81 14.43
C LEU B 262 11.77 18.27 14.74
N ARG B 263 12.72 17.34 14.86
CA ARG B 263 14.12 17.68 15.09
C ARG B 263 14.61 18.89 14.27
N SER B 264 15.25 19.87 14.93
CA SER B 264 15.85 20.96 14.21
C SER B 264 17.13 20.45 13.55
N VAL B 265 17.32 20.83 12.30
CA VAL B 265 18.43 20.32 11.49
C VAL B 265 19.68 21.25 11.45
N SER B 266 20.79 20.68 10.99
CA SER B 266 22.04 21.42 10.90
C SER B 266 21.93 22.77 10.17
N PRO B 267 22.28 23.86 10.86
CA PRO B 267 22.53 25.15 10.21
C PRO B 267 23.36 25.08 8.92
N THR B 268 24.36 24.21 8.85
CA THR B 268 25.17 24.10 7.62
C THR B 268 24.36 23.60 6.41
N HIS B 269 23.41 22.69 6.66
CA HIS B 269 22.52 22.21 5.59
C HIS B 269 21.52 23.27 5.20
N LEU B 270 20.83 23.86 6.18
CA LEU B 270 19.93 24.99 5.91
C LEU B 270 20.63 26.04 5.03
N GLU B 271 21.82 26.46 5.44
CA GLU B 271 22.67 27.38 4.67
C GLU B 271 22.74 26.95 3.19
N TYR B 272 23.07 25.69 2.97
CA TYR B 272 23.20 25.13 1.61
C TYR B 272 21.89 25.18 0.80
N MET B 273 20.77 24.87 1.45
CA MET B 273 19.48 24.97 0.79
C MET B 273 19.14 26.42 0.47
N VAL B 274 19.55 27.34 1.34
CA VAL B 274 19.32 28.76 1.09
C VAL B 274 20.06 29.16 -0.20
N ASN B 275 21.29 28.69 -0.36
CA ASN B 275 22.09 28.97 -1.57
C ASN B 275 21.53 28.27 -2.83
N MET B 276 20.93 27.11 -2.65
CA MET B 276 20.24 26.43 -3.75
C MET B 276 19.00 27.20 -4.23
N GLY B 277 18.45 28.04 -3.34
CA GLY B 277 17.27 28.86 -3.64
C GLY B 277 15.94 28.14 -3.42
N MET B 278 15.93 27.12 -2.55
CA MET B 278 14.75 26.24 -2.36
C MET B 278 14.37 26.22 -0.90
N HIS B 279 13.13 26.58 -0.58
CA HIS B 279 12.71 26.87 0.82
C HIS B 279 11.94 25.77 1.57
N ALA B 280 11.64 24.65 0.90
CA ALA B 280 11.17 23.45 1.59
C ALA B 280 11.93 22.23 1.05
N ALA B 281 12.23 21.28 1.94
CA ALA B 281 12.78 19.99 1.51
C ALA B 281 12.17 18.82 2.27
N MET B 282 12.20 17.66 1.61
CA MET B 282 11.74 16.41 2.19
C MET B 282 12.47 15.26 1.50
N SER B 283 13.04 14.35 2.28
CA SER B 283 13.74 13.23 1.69
C SER B 283 13.35 11.92 2.35
N ILE B 284 13.45 10.85 1.57
CA ILE B 284 13.06 9.49 1.99
C ILE B 284 14.28 8.65 1.66
N SER B 285 14.68 7.80 2.60
CA SER B 285 15.84 6.95 2.37
C SER B 285 15.48 5.70 1.58
N ILE B 286 16.45 5.25 0.76
CA ILE B 286 16.37 3.95 0.11
C ILE B 286 17.47 3.11 0.74
N VAL B 287 17.06 2.10 1.50
CA VAL B 287 18.00 1.25 2.19
C VAL B 287 17.92 -0.14 1.56
N ARG B 288 19.05 -0.64 1.07
CA ARG B 288 19.19 -2.00 0.61
C ARG B 288 20.42 -2.60 1.30
N ASP B 289 20.29 -3.83 1.79
CA ASP B 289 21.39 -4.54 2.50
C ASP B 289 21.89 -3.79 3.74
N ASN B 290 20.97 -3.30 4.59
CA ASN B 290 21.31 -2.46 5.75
C ASN B 290 22.32 -1.36 5.39
N ARG B 291 22.22 -0.80 4.19
CA ARG B 291 23.10 0.29 3.77
C ARG B 291 22.27 1.28 3.00
N LEU B 292 22.55 2.56 3.22
CA LEU B 292 21.93 3.61 2.43
C LEU B 292 22.38 3.46 0.97
N TRP B 293 21.41 3.17 0.09
CA TRP B 293 21.62 3.02 -1.35
C TRP B 293 21.45 4.35 -2.08
N GLY B 294 20.52 5.16 -1.59
CA GLY B 294 20.19 6.44 -2.21
C GLY B 294 19.12 7.17 -1.43
N MET B 295 18.61 8.25 -2.01
CA MET B 295 17.59 9.11 -1.38
C MET B 295 16.62 9.63 -2.44
N ILE B 296 15.35 9.74 -2.09
CA ILE B 296 14.41 10.53 -2.87
C ILE B 296 14.38 11.91 -2.24
N SER B 297 14.85 12.92 -2.97
CA SER B 297 14.89 14.31 -2.48
C SER B 297 13.89 15.21 -3.20
N CYS B 298 13.02 15.84 -2.41
CA CYS B 298 11.97 16.71 -2.90
C CYS B 298 12.23 18.13 -2.44
N HIS B 299 12.27 19.06 -3.37
CA HIS B 299 12.55 20.47 -3.09
C HIS B 299 11.42 21.35 -3.60
N ASN B 300 10.97 22.30 -2.78
CA ASN B 300 10.01 23.31 -3.24
C ASN B 300 10.68 24.68 -3.26
N LEU B 301 10.24 25.55 -4.16
CA LEU B 301 10.73 26.95 -4.18
C LEU B 301 10.27 27.73 -2.94
N THR B 302 9.04 27.48 -2.49
CA THR B 302 8.45 28.15 -1.33
C THR B 302 8.26 27.17 -0.17
N PRO B 303 7.91 27.66 1.04
CA PRO B 303 7.57 26.79 2.17
C PRO B 303 6.37 25.89 1.95
N ARG B 304 6.47 24.65 2.42
CA ARG B 304 5.43 23.63 2.12
C ARG B 304 5.50 22.40 3.04
N PHE B 305 4.54 22.30 3.95
CA PHE B 305 4.34 21.11 4.78
C PHE B 305 3.51 20.14 3.98
N VAL B 306 3.72 18.84 4.23
CA VAL B 306 2.74 17.82 3.84
C VAL B 306 2.56 16.89 5.03
N SER B 307 1.39 16.28 5.13
CA SER B 307 0.97 15.60 6.34
C SER B 307 1.66 14.25 6.53
N TYR B 308 1.67 13.80 7.78
CA TYR B 308 2.25 12.51 8.14
C TYR B 308 1.79 11.42 7.18
N GLU B 309 0.51 11.45 6.82
CA GLU B 309 -0.13 10.46 5.95
C GLU B 309 0.41 10.46 4.55
N VAL B 310 0.70 11.65 3.97
CA VAL B 310 1.30 11.66 2.62
C VAL B 310 2.74 11.17 2.70
N ARG B 311 3.49 11.65 3.68
CA ARG B 311 4.88 11.18 3.88
C ARG B 311 4.92 9.66 4.04
N GLN B 312 3.98 9.08 4.78
CA GLN B 312 3.86 7.63 4.90
C GLN B 312 3.54 6.97 3.52
N ALA B 313 2.62 7.58 2.76
CA ALA B 313 2.37 7.15 1.39
C ALA B 313 3.67 7.15 0.57
N CYS B 314 4.44 8.24 0.60
CA CYS B 314 5.70 8.32 -0.15
C CYS B 314 6.70 7.26 0.31
N GLU B 315 6.57 6.84 1.55
CA GLU B 315 7.50 5.87 2.10
C GLU B 315 7.13 4.50 1.56
N LEU B 316 5.82 4.24 1.49
CA LEU B 316 5.32 3.03 0.82
C LEU B 316 5.89 2.95 -0.58
N ILE B 317 5.80 4.05 -1.33
CA ILE B 317 6.38 4.11 -2.67
C ILE B 317 7.86 3.85 -2.63
N ALA B 318 8.59 4.46 -1.69
CA ALA B 318 10.05 4.20 -1.56
C ALA B 318 10.30 2.72 -1.33
N GLN B 319 9.48 2.13 -0.49
CA GLN B 319 9.61 0.71 -0.13
C GLN B 319 9.34 -0.27 -1.29
N VAL B 320 8.36 0.04 -2.13
CA VAL B 320 8.12 -0.73 -3.37
C VAL B 320 9.23 -0.49 -4.41
N LEU B 321 9.72 0.74 -4.53
CA LEU B 321 10.85 1.01 -5.39
C LEU B 321 12.09 0.23 -4.94
N THR B 322 12.27 0.13 -3.61
CA THR B 322 13.42 -0.55 -3.02
C THR B 322 13.47 -2.01 -3.44
N TRP B 323 12.36 -2.70 -3.22
CA TRP B 323 12.21 -4.08 -3.66
C TRP B 323 12.54 -4.19 -5.16
N GLN B 324 12.02 -3.26 -5.95
CA GLN B 324 12.14 -3.35 -7.41
C GLN B 324 13.57 -3.14 -7.87
N ILE B 325 14.30 -2.24 -7.22
CA ILE B 325 15.73 -2.07 -7.49
C ILE B 325 16.46 -3.43 -7.54
N GLY B 326 16.10 -4.34 -6.64
CA GLY B 326 16.68 -5.67 -6.61
C GLY B 326 16.20 -6.57 -7.72
N VAL B 327 14.92 -6.45 -8.07
CA VAL B 327 14.35 -7.27 -9.14
C VAL B 327 14.93 -6.87 -10.49
N LEU B 328 15.04 -5.55 -10.71
CA LEU B 328 15.48 -5.00 -12.00
C LEU B 328 16.99 -5.04 -12.11
N GLU B 329 17.69 -4.90 -10.98
CA GLU B 329 19.14 -5.07 -10.98
C GLU B 329 19.49 -6.46 -11.47
N GLU B 330 18.75 -7.47 -10.98
CA GLU B 330 18.97 -8.87 -11.43
C GLU B 330 18.43 -9.19 -12.83
N ALA B 331 18.05 -8.16 -13.60
CA ALA B 331 18.09 -8.24 -15.06
C ALA B 331 19.58 -8.11 -15.45
N GLU B 332 20.30 -9.23 -15.30
CA GLU B 332 21.75 -9.33 -15.53
C GLU B 332 22.13 -10.77 -15.89
C1A LBV C . -10.66 -32.21 -6.44
C1B LBV C . -10.49 -28.70 -9.16
O1B LBV C . -12.64 -23.34 -12.06
C1C LBV C . -8.63 -25.50 -6.54
O1C LBV C . -8.69 -20.83 -4.25
C1D LBV C . -7.03 -26.56 -2.21
C2A LBV C . -10.89 -33.32 -7.43
C2B LBV C . -10.69 -27.82 -10.23
O2B LBV C . -10.87 -22.32 -11.24
C2C LBV C . -8.11 -24.33 -5.96
O2C LBV C . -10.40 -22.20 -3.90
C2D LBV C . -6.20 -27.37 -1.40
C3A LBV C . -10.92 -32.45 -8.71
C3B LBV C . -10.28 -26.55 -9.82
C3C LBV C . -7.54 -24.70 -4.74
C3D LBV C . -6.07 -26.72 -0.21
C4A LBV C . -10.72 -31.09 -8.36
C4B LBV C . -9.76 -26.68 -8.50
C4C LBV C . -7.76 -26.07 -4.57
C4D LBV C . -6.82 -25.54 -0.29
CAA LBV C . -11.10 -32.91 -10.03
CAB LBV C . -10.36 -25.27 -10.66
CAC LBV C . -8.08 -22.86 -6.45
CAD LBV C . -5.36 -27.20 0.88
CBA LBV C . -11.25 -34.39 -10.54
CBB LBV C . -11.53 -24.39 -10.27
CBC LBV C . -9.43 -22.15 -6.10
CBD LBV C . -5.22 -26.51 2.07
CGB LBV C . -11.68 -23.24 -11.28
CGC LBV C . -9.52 -21.67 -4.61
CHB LBV C . -10.74 -30.07 -9.33
CHC LBV C . -9.27 -25.54 -7.80
CHD LBV C . -7.37 -26.90 -3.50
CMA LBV C . -12.26 -33.96 -7.15
CMA LBV C . -9.71 -34.27 -7.43
CMB LBV C . -11.31 -28.16 -11.60
CMC LBV C . -6.84 -23.68 -3.81
CMD LBV C . -5.53 -28.73 -1.75
N_A LBV C . -10.57 -31.00 -7.03
O_A LBV C . -10.57 -32.38 -5.22
N_B LBV C . -9.92 -27.98 -8.18
N_C LBV C . -8.41 -26.50 -5.66
N_D LBV C . -7.38 -25.51 -1.50
O_D LBV C . -6.98 -24.66 0.57
C1A LBV D . 27.16 20.74 2.91
C1B LBV D . 24.81 18.35 5.96
O1B LBV D . 20.01 17.73 10.60
C1C LBV D . 21.33 16.71 3.73
O1C LBV D . 16.40 16.19 2.40
C1D LBV D . 21.34 16.95 -1.01
C2A LBV D . 28.48 20.82 3.65
C2B LBV D . 24.27 17.97 7.20
O2B LBV D . 19.61 15.95 9.40
C2C LBV D . 20.16 16.09 3.27
O2C LBV D . 17.25 18.23 2.71
C2D LBV D . 22.03 16.64 -2.18
C3A LBV D . 28.05 20.05 4.89
C3B LBV D . 23.02 17.42 7.01
C3C LBV D . 20.26 16.07 1.87
C3D LBV D . 21.17 16.80 -3.25
C4A LBV D . 26.70 19.63 4.79
C4B LBV D . 22.80 17.41 5.63
C4C LBV D . 21.46 16.70 1.52
C4D LBV D . 19.96 17.20 -2.70
CAA LBV D . 28.89 19.80 5.99
CAB LBV D . 22.12 16.90 8.16
CAC LBV D . 18.98 15.53 4.09
CAD LBV D . 21.46 16.57 -4.59
CBA LBV D . 30.36 20.24 6.08
CBB LBV D . 20.82 17.69 8.37
CBC LBV D . 17.85 16.54 4.32
CBD LBV D . 20.52 16.74 -5.60
CGB LBV D . 20.08 17.08 9.55
CGC LBV D . 17.11 17.03 3.03
CHB LBV D . 26.10 18.91 5.85
CHC LBV D . 21.58 16.90 5.10
CHD LBV D . 21.99 16.88 0.23
CMA LBV D . 29.54 20.07 2.83
CMB LBV D . 24.92 18.17 8.58
CMC LBV D . 19.19 15.47 0.93
CMD LBV D . 23.49 16.20 -2.31
N_A LBV D . 26.23 20.07 3.60
O_A LBV D . 26.99 21.23 1.79
N_B LBV D . 23.89 17.97 5.06
N_C LBV D . 22.06 17.04 2.66
N_D LBV D . 20.09 17.30 -1.37
O_D LBV D . 18.94 17.42 -3.34
#